data_7P1N
#
_entry.id   7P1N
#
_cell.length_a   212.290
_cell.length_b   212.290
_cell.length_c   116.085
_cell.angle_alpha   90.000
_cell.angle_beta   90.000
_cell.angle_gamma   120.000
#
_symmetry.space_group_name_H-M   'P 61'
#
loop_
_entity.id
_entity.type
_entity.pdbx_description
1 polymer Acetylcholinesterase
2 polymer Acetylcholinesterase
3 branched beta-D-mannopyranose-(1-4)-2-acetamido-2-deoxy-beta-D-glucopyranose-(1-4)-[alpha-L-fucopyranose-(1-6)]2-acetamido-2-deoxy-beta-D-glucopyranose
4 branched 2-acetamido-2-deoxy-beta-D-glucopyranose-(1-4)-[alpha-L-fucopyranose-(1-6)]2-acetamido-2-deoxy-beta-D-glucopyranose
5 branched 'N-acetyl-alpha-neuraminic acid-(2-3)-beta-D-galactopyranose-(1-4)-2-acetamido-2-deoxy-beta-D-glucopyranose'
6 non-polymer (2R,3R,4S,5S,6R)-2-[4-[1-[4-[6-[(Z)-hydroxyiminomethyl]-5-oxidanyl-pyridin-2-yl]butyl]-1,2,3-triazol-4-yl]butoxy]-6-(hydroxymethyl)oxane-3,4,5-triol
7 non-polymer 'SULFATE ION'
8 non-polymer 'CHLORIDE ION'
9 non-polymer GLYCEROL
10 non-polymer 'MAGNESIUM ION'
11 water water
#
loop_
_entity_poly.entity_id
_entity_poly.type
_entity_poly.pdbx_seq_one_letter_code
_entity_poly.pdbx_strand_id
1 'polypeptide(L)'
;GREDAELLVTVRGGRLRGIRLKTPGGPVSAFLGIPFAEPPMGPRRFLPPEPKQPWSGVVDATTFQSVCYQYVDTLYPGFE
GTEMWNPNRELSEDCLYLNVWTPYPRPTSPTPVLVWIYGGGFYSGASSLDVYDGRFLVQAERTVLVSMNYRVGAFGFLAL
PGSREAPGNVGLLDQRLALQWVQENVAAFGGDPTSVTLFGESAGAASVGMHLLSPPSRGLFHRAVLQSGAPNGPWATVGM
GEARRRATQLAHLVGCP
;
aa,bb
2 'polypeptide(L)'
;TGGNDTELVACLRTRPAQVLVNHEWHVLPQESVFRFSFVPVVDGDFLSDTPEALINAGDFHGLQVLVGVVKDEGSYFLVY
GAPGFSKDNESLISRAEFLAGVRVGVPQVSDLAAEAVVLHYTDWLHPEDPARLREALSDVVGDHNVVCPVAQLAGRLAAQ
GARVYAYVFEHRASTLSWPLWMGVPHGYEIEFIFGIPLDPSRNYTAEEKIFAQRLMRYWANFARTGDPNEPRDPKAPQWP
PYTAGAQQYVSLDLRPLEVRRGLRAQACAFWNRFLPKLLSAT
;
A,B
#
# COMPACT_ATOMS: atom_id res chain seq x y z
N ASP A 4 -15.49 47.99 36.58
CA ASP A 4 -15.68 48.19 38.02
C ASP A 4 -17.04 47.67 38.48
N ALA A 5 -18.09 48.37 38.06
CA ALA A 5 -19.43 47.78 38.07
C ALA A 5 -19.61 46.81 36.91
N GLU A 6 -18.62 46.74 36.01
CA GLU A 6 -18.57 45.74 34.95
C GLU A 6 -18.06 44.40 35.46
N LEU A 7 -17.46 44.39 36.64
CA LEU A 7 -16.91 43.16 37.21
C LEU A 7 -17.86 42.45 38.16
N LEU A 8 -18.97 43.08 38.54
CA LEU A 8 -20.01 42.42 39.33
C LEU A 8 -21.14 41.98 38.41
N VAL A 9 -21.41 40.67 38.38
CA VAL A 9 -22.45 40.09 37.53
C VAL A 9 -23.23 39.06 38.34
N THR A 10 -24.54 39.01 38.12
CA THR A 10 -25.43 38.06 38.78
C THR A 10 -25.87 37.00 37.78
N VAL A 11 -25.55 35.73 38.04
CA VAL A 11 -26.09 34.65 37.22
C VAL A 11 -27.26 34.04 37.98
N ARG A 12 -27.82 32.95 37.45
CA ARG A 12 -29.06 32.40 37.97
C ARG A 12 -28.91 31.96 39.42
N GLY A 13 -27.74 31.51 39.83
CA GLY A 13 -27.55 31.02 41.18
C GLY A 13 -26.85 31.96 42.16
N GLY A 14 -26.65 33.24 41.84
CA GLY A 14 -26.05 34.16 42.79
C GLY A 14 -25.18 35.19 42.11
N ARG A 15 -24.52 36.02 42.92
CA ARG A 15 -23.66 37.10 42.43
C ARG A 15 -22.20 36.64 42.28
N LEU A 16 -21.47 37.30 41.38
CA LEU A 16 -20.08 37.00 41.09
C LEU A 16 -19.27 38.28 41.07
N ARG A 17 -17.98 38.17 41.38
CA ARG A 17 -17.03 39.27 41.23
C ARG A 17 -15.88 38.76 40.38
N GLY A 18 -15.65 39.41 39.24
CA GLY A 18 -14.60 39.02 38.31
C GLY A 18 -13.40 39.94 38.38
N ILE A 19 -12.50 39.75 37.43
CA ILE A 19 -11.19 40.37 37.43
C ILE A 19 -10.95 41.05 36.09
N ARG A 20 -10.15 42.14 36.12
CA ARG A 20 -9.71 42.80 34.90
C ARG A 20 -8.42 42.17 34.39
N LEU A 21 -8.44 41.67 33.15
CA LEU A 21 -7.24 41.13 32.52
C LEU A 21 -6.77 42.13 31.47
N LYS A 22 -5.48 42.46 31.52
CA LYS A 22 -4.92 43.38 30.54
C LYS A 22 -4.32 42.59 29.37
N THR A 23 -4.40 43.17 28.19
CA THR A 23 -3.76 42.64 26.99
C THR A 23 -3.10 43.81 26.26
N PRO A 24 -2.27 43.53 25.26
CA PRO A 24 -1.73 44.63 24.46
C PRO A 24 -2.77 45.42 23.69
N GLY A 25 -3.91 44.82 23.34
CA GLY A 25 -4.97 45.54 22.65
C GLY A 25 -5.88 46.33 23.57
N GLY A 26 -5.88 46.02 24.86
CA GLY A 26 -6.84 46.59 25.78
C GLY A 26 -7.27 45.56 26.81
N PRO A 27 -8.17 45.95 27.71
CA PRO A 27 -8.56 45.04 28.80
C PRO A 27 -9.72 44.13 28.41
N VAL A 28 -9.94 43.13 29.28
CA VAL A 28 -10.97 42.11 29.12
C VAL A 28 -11.53 41.80 30.50
N SER A 29 -12.84 41.58 30.59
CA SER A 29 -13.46 41.17 31.84
C SER A 29 -13.40 39.64 31.91
N ALA A 30 -12.90 39.09 33.04
CA ALA A 30 -12.82 37.64 33.24
C ALA A 30 -13.46 37.22 34.56
N PHE A 31 -14.20 36.11 34.51
CA PHE A 31 -14.89 35.53 35.67
C PHE A 31 -14.44 34.08 35.79
N LEU A 32 -13.50 33.82 36.70
CA LEU A 32 -12.78 32.54 36.73
C LEU A 32 -13.21 31.70 37.93
N GLY A 33 -13.57 30.44 37.66
CA GLY A 33 -13.90 29.53 38.74
C GLY A 33 -15.34 29.54 39.22
N ILE A 34 -16.29 29.69 38.30
CA ILE A 34 -17.71 29.70 38.65
C ILE A 34 -18.19 28.27 38.89
N PRO A 35 -18.71 27.96 40.07
CA PRO A 35 -19.23 26.60 40.30
C PRO A 35 -20.43 26.30 39.41
N PHE A 36 -20.38 25.16 38.71
CA PHE A 36 -21.56 24.69 38.00
C PHE A 36 -22.13 23.37 38.50
N ALA A 37 -21.43 22.63 39.37
CA ALA A 37 -21.93 21.41 40.01
C ALA A 37 -21.62 21.45 41.50
N GLU A 38 -22.51 20.81 42.29
CA GLU A 38 -22.17 20.47 43.66
C GLU A 38 -20.98 19.50 43.65
N PRO A 39 -20.02 19.70 44.56
CA PRO A 39 -18.77 18.91 44.56
C PRO A 39 -19.02 17.41 44.49
N PRO A 40 -18.48 16.72 43.50
CA PRO A 40 -18.80 15.29 43.31
C PRO A 40 -17.98 14.40 44.23
N MET A 41 -18.33 14.43 45.51
CA MET A 41 -17.45 13.94 46.55
C MET A 41 -18.16 12.95 47.44
N GLY A 42 -17.37 12.07 48.05
CA GLY A 42 -17.92 11.11 48.96
C GLY A 42 -18.83 10.19 48.20
N PRO A 43 -20.09 10.12 48.60
CA PRO A 43 -21.05 9.22 47.93
C PRO A 43 -21.31 9.59 46.48
N ARG A 44 -21.05 10.84 46.11
CA ARG A 44 -21.22 11.33 44.75
C ARG A 44 -20.02 11.06 43.86
N ARG A 45 -18.97 10.40 44.35
CA ARG A 45 -17.87 9.98 43.47
C ARG A 45 -18.39 8.92 42.49
N PHE A 46 -18.07 9.09 41.21
CA PHE A 46 -18.46 8.26 40.05
C PHE A 46 -19.90 8.51 39.58
N LEU A 47 -20.64 9.39 40.21
CA LEU A 47 -22.03 9.63 39.85
C LEU A 47 -22.14 10.83 38.92
N PRO A 48 -23.22 10.91 38.15
CA PRO A 48 -23.43 12.09 37.31
C PRO A 48 -23.46 13.35 38.17
N PRO A 49 -23.08 14.49 37.61
CA PRO A 49 -22.98 15.71 38.41
C PRO A 49 -24.35 16.27 38.72
N GLU A 50 -24.44 16.94 39.87
CA GLU A 50 -25.70 17.62 40.14
C GLU A 50 -25.52 19.12 40.09
N PRO A 51 -26.51 19.83 39.54
CA PRO A 51 -26.39 21.28 39.39
C PRO A 51 -26.09 21.99 40.70
N LYS A 52 -25.19 22.97 40.64
CA LYS A 52 -24.86 23.78 41.81
C LYS A 52 -26.08 24.55 42.28
N GLN A 53 -26.45 24.37 43.55
CA GLN A 53 -27.56 25.10 44.16
C GLN A 53 -27.18 26.54 44.42
N PRO A 54 -28.16 27.43 44.57
CA PRO A 54 -27.83 28.84 44.73
C PRO A 54 -27.08 29.13 46.01
N TRP A 55 -26.38 30.25 46.01
CA TRP A 55 -25.52 30.67 47.11
C TRP A 55 -25.81 32.11 47.51
N SER A 56 -25.60 32.39 48.79
CA SER A 56 -25.62 33.75 49.31
C SER A 56 -24.27 34.43 49.10
N GLY A 57 -24.29 35.76 49.12
CA GLY A 57 -23.07 36.53 48.98
C GLY A 57 -22.55 36.49 47.56
N VAL A 58 -21.34 37.00 47.39
CA VAL A 58 -20.69 37.10 46.09
C VAL A 58 -19.54 36.09 46.04
N VAL A 59 -19.56 35.25 45.01
CA VAL A 59 -18.48 34.31 44.77
C VAL A 59 -17.24 35.04 44.25
N ASP A 60 -16.07 34.65 44.75
CA ASP A 60 -14.80 35.25 44.30
C ASP A 60 -14.39 34.55 43.01
N ALA A 61 -14.68 35.19 41.88
CA ALA A 61 -14.42 34.63 40.56
C ALA A 61 -13.16 35.22 39.94
N THR A 62 -12.12 35.48 40.72
CA THR A 62 -10.96 36.19 40.21
C THR A 62 -9.73 35.32 39.99
N THR A 63 -9.81 34.00 40.18
CA THR A 63 -8.69 33.15 39.80
C THR A 63 -9.15 31.70 39.68
N PHE A 64 -8.44 30.94 38.85
CA PHE A 64 -8.86 29.59 38.50
C PHE A 64 -9.02 28.74 39.74
N GLN A 65 -10.08 27.95 39.78
CA GLN A 65 -10.33 27.01 40.85
C GLN A 65 -9.47 25.75 40.64
N SER A 66 -9.71 24.68 41.39
CA SER A 66 -8.74 23.59 41.44
C SER A 66 -8.81 22.71 40.20
N VAL A 67 -7.77 21.85 40.04
CA VAL A 67 -7.61 20.92 38.93
C VAL A 67 -8.17 19.57 39.35
N CYS A 68 -8.94 18.90 38.49
CA CYS A 68 -9.44 17.58 38.88
C CYS A 68 -8.30 16.58 39.09
N TYR A 69 -8.51 15.65 40.03
CA TYR A 69 -7.43 14.73 40.40
C TYR A 69 -6.94 13.94 39.18
N GLN A 70 -5.64 14.00 38.94
CA GLN A 70 -5.09 13.31 37.77
C GLN A 70 -3.67 12.85 38.05
N TYR A 71 -3.21 11.89 37.23
CA TYR A 71 -1.81 11.50 37.21
C TYR A 71 -0.97 12.65 36.68
N VAL A 72 0.13 12.96 37.36
CA VAL A 72 1.02 14.03 36.95
C VAL A 72 2.26 13.43 36.32
N ASP A 73 2.52 13.80 35.07
CA ASP A 73 3.58 13.23 34.26
C ASP A 73 4.97 13.60 34.78
N THR A 74 5.87 12.60 34.87
CA THR A 74 7.21 12.86 35.43
C THR A 74 8.33 12.31 34.56
N LEU A 75 8.09 12.16 33.26
CA LEU A 75 9.14 11.66 32.37
C LEU A 75 10.30 12.64 32.29
N TYR A 76 10.02 13.93 32.07
CA TYR A 76 11.05 14.95 31.93
C TYR A 76 10.78 16.07 32.93
N PRO A 77 11.15 15.87 34.20
CA PRO A 77 10.78 16.83 35.25
C PRO A 77 11.35 18.21 34.99
N GLY A 78 10.51 19.23 35.20
CA GLY A 78 10.92 20.61 35.05
C GLY A 78 11.06 21.11 33.63
N PHE A 79 10.71 20.30 32.64
CA PHE A 79 10.94 20.60 31.22
C PHE A 79 9.68 21.17 30.60
N GLU A 80 9.81 22.34 29.95
CA GLU A 80 8.63 23.09 29.54
C GLU A 80 7.70 22.27 28.64
N GLY A 81 8.26 21.45 27.75
CA GLY A 81 7.44 20.73 26.80
C GLY A 81 6.46 19.75 27.43
N THR A 82 6.69 19.36 28.68
CA THR A 82 5.80 18.50 29.43
C THR A 82 5.09 19.22 30.56
N GLU A 83 5.75 20.21 31.20
CA GLU A 83 5.16 20.89 32.34
C GLU A 83 3.99 21.79 31.93
N MET A 84 3.96 22.28 30.69
CA MET A 84 2.87 23.12 30.23
C MET A 84 1.55 22.38 30.21
N TRP A 85 1.56 21.06 30.29
CA TRP A 85 0.32 20.29 30.36
C TRP A 85 0.04 19.78 31.76
N ASN A 86 0.84 20.13 32.72
CA ASN A 86 0.62 19.60 34.05
C ASN A 86 -0.20 20.59 34.88
N PRO A 87 -0.82 20.10 35.96
CA PRO A 87 -1.66 20.97 36.78
C PRO A 87 -0.91 22.18 37.30
N ASN A 88 -1.55 23.33 37.19
CA ASN A 88 -1.04 24.58 37.76
C ASN A 88 -1.90 25.09 38.91
N ARG A 89 -2.76 24.23 39.46
CA ARG A 89 -3.48 24.48 40.70
C ARG A 89 -3.37 23.22 41.55
N GLU A 90 -3.88 23.28 42.78
CA GLU A 90 -3.97 22.09 43.61
C GLU A 90 -4.93 21.07 43.01
N LEU A 91 -4.68 19.80 43.28
CA LEU A 91 -5.63 18.78 42.87
C LEU A 91 -6.75 18.71 43.89
N SER A 92 -7.96 18.45 43.40
CA SER A 92 -9.10 18.26 44.30
C SER A 92 -10.19 17.52 43.54
N GLU A 93 -10.93 16.68 44.24
CA GLU A 93 -12.15 16.17 43.62
C GLU A 93 -13.18 17.28 43.48
N ASP A 94 -13.11 18.31 44.32
CA ASP A 94 -13.92 19.52 44.21
C ASP A 94 -13.33 20.42 43.11
N CYS A 95 -13.71 20.13 41.85
CA CYS A 95 -13.11 20.82 40.71
C CYS A 95 -14.10 21.26 39.62
N LEU A 96 -15.40 20.97 39.74
CA LEU A 96 -16.35 21.29 38.68
C LEU A 96 -16.67 22.79 38.71
N TYR A 97 -15.76 23.56 38.13
CA TYR A 97 -15.88 25.01 37.97
C TYR A 97 -15.62 25.37 36.51
N LEU A 98 -16.29 26.44 36.03
CA LEU A 98 -16.09 26.90 34.66
C LEU A 98 -15.71 28.37 34.68
N ASN A 99 -15.16 28.84 33.54
CA ASN A 99 -14.64 30.20 33.39
C ASN A 99 -15.29 30.91 32.21
N VAL A 100 -15.47 32.23 32.35
CA VAL A 100 -16.06 33.07 31.30
C VAL A 100 -15.18 34.29 31.06
N TRP A 101 -14.79 34.50 29.81
CA TRP A 101 -14.13 35.72 29.34
C TRP A 101 -15.11 36.48 28.45
N THR A 102 -15.12 37.80 28.57
CA THR A 102 -16.08 38.60 27.86
C THR A 102 -15.41 39.94 27.54
N PRO A 103 -15.71 40.55 26.39
CA PRO A 103 -15.01 41.77 25.99
C PRO A 103 -15.20 42.83 27.04
N TYR A 104 -14.21 43.71 27.18
CA TYR A 104 -14.36 44.57 28.36
C TYR A 104 -15.64 45.38 28.26
N PRO A 105 -15.79 46.31 27.31
CA PRO A 105 -17.10 46.99 27.25
C PRO A 105 -18.11 45.93 26.92
N ARG A 106 -18.86 45.47 27.92
CA ARG A 106 -19.65 44.27 27.75
C ARG A 106 -20.53 44.43 26.51
N PRO A 107 -20.38 43.57 25.51
CA PRO A 107 -21.03 43.81 24.21
C PRO A 107 -22.50 44.19 24.36
N THR A 108 -22.85 45.33 23.76
CA THR A 108 -24.24 45.78 23.82
C THR A 108 -25.16 44.89 23.00
N SER A 109 -24.63 44.17 22.01
CA SER A 109 -25.41 43.22 21.23
C SER A 109 -24.92 41.79 21.44
N PRO A 110 -25.81 40.80 21.44
CA PRO A 110 -25.41 39.41 21.74
C PRO A 110 -24.33 38.87 20.79
N THR A 111 -23.19 38.52 21.35
CA THR A 111 -21.99 38.02 20.69
C THR A 111 -22.01 36.50 20.61
N PRO A 112 -21.55 35.91 19.51
CA PRO A 112 -21.35 34.45 19.49
C PRO A 112 -20.38 34.03 20.57
N VAL A 113 -20.51 32.77 21.01
CA VAL A 113 -19.77 32.28 22.14
C VAL A 113 -19.05 30.98 21.76
N LEU A 114 -17.79 30.87 22.17
CA LEU A 114 -16.97 29.70 21.93
C LEU A 114 -16.77 29.00 23.25
N VAL A 115 -16.96 27.68 23.26
CA VAL A 115 -16.80 26.87 24.45
C VAL A 115 -15.69 25.87 24.21
N TRP A 116 -14.67 25.88 25.07
CA TRP A 116 -13.45 25.11 24.90
C TRP A 116 -13.42 23.91 25.83
N ILE A 117 -13.19 22.73 25.27
CA ILE A 117 -13.06 21.49 26.03
C ILE A 117 -11.62 21.04 25.92
N TYR A 118 -10.87 21.09 27.04
CA TYR A 118 -9.45 20.71 26.99
C TYR A 118 -9.28 19.22 26.73
N GLY A 119 -8.17 18.88 26.07
CA GLY A 119 -7.79 17.50 25.89
C GLY A 119 -6.83 17.01 26.97
N GLY A 120 -6.46 15.74 26.86
CA GLY A 120 -5.61 15.13 27.85
C GLY A 120 -5.83 13.64 28.00
N GLY A 121 -6.22 12.98 26.92
CA GLY A 121 -6.29 11.55 26.99
C GLY A 121 -7.41 11.03 27.84
N PHE A 122 -8.28 11.90 28.34
CA PHE A 122 -9.35 11.62 29.29
C PHE A 122 -8.83 11.27 30.68
N TYR A 123 -7.51 11.40 30.91
CA TYR A 123 -6.88 11.13 32.19
C TYR A 123 -6.25 12.37 32.81
N SER A 124 -6.20 13.50 32.10
CA SER A 124 -5.54 14.70 32.62
C SER A 124 -6.15 15.93 31.96
N GLY A 125 -5.60 17.10 32.30
CA GLY A 125 -6.03 18.35 31.70
C GLY A 125 -6.63 19.31 32.71
N ALA A 126 -6.60 20.59 32.41
CA ALA A 126 -7.26 21.56 33.28
C ALA A 126 -7.56 22.79 32.46
N SER A 127 -8.68 23.44 32.76
CA SER A 127 -9.03 24.66 32.04
C SER A 127 -8.10 25.81 32.38
N SER A 128 -7.24 25.64 33.39
CA SER A 128 -6.41 26.73 33.90
C SER A 128 -5.04 26.82 33.25
N LEU A 129 -4.67 25.85 32.40
CA LEU A 129 -3.37 25.90 31.75
C LEU A 129 -3.18 27.23 31.03
N ASP A 130 -1.93 27.72 31.05
CA ASP A 130 -1.65 29.02 30.46
C ASP A 130 -1.95 29.03 28.97
N VAL A 131 -1.81 27.89 28.33
CA VAL A 131 -1.98 27.81 26.88
C VAL A 131 -3.44 27.94 26.48
N TYR A 132 -4.38 27.94 27.44
CA TYR A 132 -5.80 28.07 27.19
C TYR A 132 -6.35 29.44 27.60
N ASP A 133 -5.48 30.40 27.90
CA ASP A 133 -5.95 31.70 28.36
C ASP A 133 -6.81 32.35 27.29
N GLY A 134 -8.07 32.58 27.61
CA GLY A 134 -8.96 33.14 26.62
C GLY A 134 -8.86 34.62 26.36
N ARG A 135 -7.96 35.33 27.07
CA ARG A 135 -8.02 36.79 27.05
C ARG A 135 -7.64 37.38 25.69
N PHE A 136 -6.80 36.71 24.89
CA PHE A 136 -6.39 37.32 23.64
C PHE A 136 -7.43 37.11 22.55
N LEU A 137 -8.05 35.92 22.54
CA LEU A 137 -9.10 35.61 21.60
C LEU A 137 -10.29 36.53 21.80
N VAL A 138 -10.64 36.80 23.06
CA VAL A 138 -11.74 37.72 23.34
C VAL A 138 -11.38 39.13 22.88
N GLN A 139 -10.29 39.68 23.40
CA GLN A 139 -9.92 41.06 23.07
C GLN A 139 -9.76 41.25 21.57
N ALA A 140 -9.18 40.25 20.88
CA ALA A 140 -8.98 40.36 19.45
C ALA A 140 -10.29 40.32 18.68
N GLU A 141 -11.10 39.28 18.87
CA GLU A 141 -12.28 39.08 18.04
C GLU A 141 -13.61 39.47 18.72
N ARG A 142 -13.55 40.07 19.91
CA ARG A 142 -14.72 40.57 20.65
C ARG A 142 -15.84 39.53 20.66
N THR A 143 -15.52 38.38 21.24
CA THR A 143 -16.39 37.22 21.32
C THR A 143 -16.35 36.68 22.76
N VAL A 144 -17.42 36.01 23.20
CA VAL A 144 -17.42 35.48 24.57
C VAL A 144 -16.89 34.06 24.55
N LEU A 145 -16.01 33.73 25.49
CA LEU A 145 -15.37 32.42 25.52
C LEU A 145 -15.53 31.81 26.90
N VAL A 146 -15.94 30.53 26.92
CA VAL A 146 -16.21 29.77 28.13
C VAL A 146 -15.40 28.48 28.08
N SER A 147 -14.84 28.08 29.23
CA SER A 147 -14.20 26.78 29.39
C SER A 147 -14.52 26.22 30.76
N MET A 148 -14.52 24.89 30.86
CA MET A 148 -14.92 24.22 32.09
C MET A 148 -13.93 23.11 32.45
N ASN A 149 -13.95 22.72 33.73
CA ASN A 149 -13.28 21.49 34.11
C ASN A 149 -14.28 20.35 34.04
N TYR A 150 -13.76 19.14 33.84
CA TYR A 150 -14.56 17.93 33.86
C TYR A 150 -13.68 16.84 34.42
N ARG A 151 -14.25 16.02 35.31
CA ARG A 151 -13.55 14.89 35.91
C ARG A 151 -12.84 14.02 34.88
N VAL A 152 -11.59 13.65 35.19
CA VAL A 152 -10.85 12.77 34.28
C VAL A 152 -10.46 11.48 35.00
N GLY A 153 -9.77 10.59 34.30
CA GLY A 153 -9.35 9.31 34.84
C GLY A 153 -10.50 8.49 35.41
N ALA A 154 -10.21 7.73 36.47
CA ALA A 154 -11.25 6.90 37.08
C ALA A 154 -12.43 7.75 37.58
N PHE A 155 -12.17 8.95 38.09
CA PHE A 155 -13.23 9.78 38.64
C PHE A 155 -14.22 10.21 37.57
N GLY A 156 -13.76 10.39 36.34
CA GLY A 156 -14.59 10.77 35.23
C GLY A 156 -15.16 9.61 34.43
N PHE A 157 -14.48 8.45 34.39
CA PHE A 157 -14.85 7.45 33.40
C PHE A 157 -14.75 5.99 33.84
N LEU A 158 -14.43 5.70 35.10
CA LEU A 158 -14.60 4.34 35.58
C LEU A 158 -16.06 3.93 35.40
N ALA A 159 -16.29 2.70 34.93
CA ALA A 159 -17.65 2.25 34.64
C ALA A 159 -17.83 0.77 34.96
N LEU A 160 -18.90 0.44 35.67
CA LEU A 160 -19.38 -0.92 35.76
C LEU A 160 -20.71 -0.94 35.02
N PRO A 161 -20.71 -1.16 33.70
CA PRO A 161 -21.89 -0.85 32.90
C PRO A 161 -23.13 -1.56 33.43
N GLY A 162 -24.25 -0.85 33.42
CA GLY A 162 -25.52 -1.38 33.88
C GLY A 162 -25.86 -1.07 35.32
N SER A 163 -24.90 -0.61 36.11
CA SER A 163 -25.11 -0.32 37.52
C SER A 163 -25.45 1.16 37.70
N ARG A 164 -26.26 1.45 38.70
CA ARG A 164 -26.59 2.83 38.97
C ARG A 164 -25.47 3.56 39.70
N GLU A 165 -24.55 2.83 40.34
CA GLU A 165 -23.59 3.46 41.24
C GLU A 165 -22.31 3.91 40.55
N ALA A 166 -21.93 3.30 39.42
CA ALA A 166 -20.82 3.78 38.59
C ALA A 166 -21.18 3.56 37.14
N PRO A 167 -21.94 4.48 36.55
CA PRO A 167 -22.55 4.23 35.23
C PRO A 167 -21.71 4.63 34.03
N GLY A 168 -20.51 5.15 34.23
CA GLY A 168 -19.66 5.57 33.14
C GLY A 168 -20.00 6.96 32.62
N ASN A 169 -19.04 7.53 31.88
CA ASN A 169 -19.22 8.72 31.06
C ASN A 169 -19.57 9.98 31.87
N VAL A 170 -19.46 9.97 33.20
CA VAL A 170 -19.83 11.16 33.96
C VAL A 170 -18.92 12.36 33.65
N GLY A 171 -17.71 12.14 33.14
CA GLY A 171 -16.93 13.26 32.66
C GLY A 171 -17.60 13.96 31.50
N LEU A 172 -18.14 13.19 30.55
CA LEU A 172 -18.95 13.78 29.49
C LEU A 172 -20.15 14.50 30.08
N LEU A 173 -20.77 13.94 31.13
CA LEU A 173 -21.93 14.60 31.69
C LEU A 173 -21.57 15.88 32.40
N ASP A 174 -20.38 15.97 33.03
CA ASP A 174 -19.90 17.26 33.52
C ASP A 174 -19.89 18.27 32.38
N GLN A 175 -19.36 17.88 31.22
CA GLN A 175 -19.29 18.79 30.08
C GLN A 175 -20.68 19.26 29.68
N ARG A 176 -21.62 18.33 29.57
CA ARG A 176 -22.98 18.70 29.19
C ARG A 176 -23.61 19.64 30.21
N LEU A 177 -23.41 19.38 31.51
CA LEU A 177 -23.93 20.29 32.51
C LEU A 177 -23.38 21.70 32.31
N ALA A 178 -22.10 21.82 31.98
CA ALA A 178 -21.57 23.15 31.76
C ALA A 178 -22.16 23.76 30.49
N LEU A 179 -22.45 22.94 29.47
CA LEU A 179 -23.13 23.49 28.31
C LEU A 179 -24.52 23.99 28.71
N GLN A 180 -25.24 23.21 29.52
CA GLN A 180 -26.53 23.65 30.06
C GLN A 180 -26.39 24.95 30.86
N TRP A 181 -25.30 25.10 31.60
CA TRP A 181 -25.05 26.35 32.32
C TRP A 181 -24.90 27.53 31.37
N VAL A 182 -24.20 27.32 30.26
CA VAL A 182 -24.02 28.39 29.27
C VAL A 182 -25.37 28.78 28.69
N GLN A 183 -26.20 27.79 28.35
CA GLN A 183 -27.50 28.06 27.78
C GLN A 183 -28.33 28.98 28.66
N GLU A 184 -28.22 28.80 29.97
CA GLU A 184 -29.05 29.56 30.89
C GLU A 184 -28.39 30.84 31.39
N ASN A 185 -27.07 30.97 31.27
CA ASN A 185 -26.38 32.05 31.95
C ASN A 185 -25.43 32.87 31.08
N VAL A 186 -25.03 32.38 29.90
CA VAL A 186 -24.07 33.13 29.10
C VAL A 186 -24.63 34.50 28.71
N ALA A 187 -25.96 34.61 28.64
CA ALA A 187 -26.55 35.88 28.21
C ALA A 187 -26.29 37.01 29.20
N ALA A 188 -25.91 36.68 30.45
CA ALA A 188 -25.58 37.69 31.45
C ALA A 188 -24.23 38.36 31.19
N PHE A 189 -23.36 37.74 30.40
CA PHE A 189 -22.06 38.31 30.06
C PHE A 189 -22.05 38.92 28.65
N GLY A 190 -23.16 38.92 27.95
CA GLY A 190 -23.22 39.42 26.61
C GLY A 190 -23.25 38.34 25.55
N GLY A 191 -23.18 37.08 25.93
CA GLY A 191 -23.15 36.02 24.95
C GLY A 191 -24.54 35.70 24.40
N ASP A 192 -24.53 35.00 23.27
CA ASP A 192 -25.73 34.66 22.54
C ASP A 192 -25.93 33.15 22.62
N PRO A 193 -26.90 32.66 23.39
CA PRO A 193 -27.07 31.21 23.52
C PRO A 193 -27.41 30.53 22.21
N THR A 194 -27.86 31.26 21.21
CA THR A 194 -28.28 30.67 19.94
C THR A 194 -27.14 30.56 18.95
N SER A 195 -25.91 30.81 19.40
CA SER A 195 -24.69 30.70 18.60
C SER A 195 -23.56 30.31 19.55
N VAL A 196 -23.54 29.06 19.98
CA VAL A 196 -22.40 28.54 20.72
C VAL A 196 -21.69 27.52 19.84
N THR A 197 -20.37 27.70 19.71
CA THR A 197 -19.51 26.80 18.94
C THR A 197 -18.63 26.05 19.91
N LEU A 198 -18.68 24.72 19.85
CA LEU A 198 -17.78 23.89 20.64
C LEU A 198 -16.44 23.79 19.95
N PHE A 199 -15.36 23.81 20.73
CA PHE A 199 -14.08 23.45 20.16
C PHE A 199 -13.20 22.84 21.23
N GLY A 200 -12.34 21.95 20.79
CA GLY A 200 -11.51 21.19 21.70
C GLY A 200 -10.47 20.41 20.92
N GLU A 201 -9.39 20.08 21.62
CA GLU A 201 -8.22 19.46 21.05
C GLU A 201 -8.03 18.07 21.64
N SER A 202 -7.59 17.15 20.81
CA SER A 202 -7.32 15.77 21.21
C SER A 202 -8.52 15.14 21.93
N ALA A 203 -8.42 14.79 23.23
CA ALA A 203 -9.60 14.21 23.86
C ALA A 203 -10.71 15.24 24.01
N GLY A 204 -10.36 16.51 24.14
CA GLY A 204 -11.34 17.56 23.99
C GLY A 204 -12.05 17.52 22.65
N ALA A 205 -11.31 17.19 21.58
CA ALA A 205 -11.93 17.05 20.26
C ALA A 205 -12.83 15.82 20.21
N ALA A 206 -12.39 14.69 20.74
CA ALA A 206 -13.24 13.50 20.79
C ALA A 206 -14.50 13.78 21.60
N SER A 207 -14.36 14.54 22.68
CA SER A 207 -15.51 14.94 23.47
C SER A 207 -16.50 15.72 22.61
N VAL A 208 -16.00 16.72 21.86
CA VAL A 208 -16.88 17.46 20.96
C VAL A 208 -17.62 16.52 20.03
N GLY A 209 -16.90 15.54 19.47
CA GLY A 209 -17.56 14.56 18.62
C GLY A 209 -18.72 13.86 19.29
N MET A 210 -18.59 13.61 20.59
CA MET A 210 -19.59 12.77 21.24
C MET A 210 -20.83 13.55 21.59
N HIS A 211 -20.66 14.80 22.04
CA HIS A 211 -21.83 15.66 22.17
C HIS A 211 -22.54 15.76 20.83
N LEU A 212 -21.76 15.76 19.73
CA LEU A 212 -22.32 15.77 18.39
C LEU A 212 -23.23 14.56 18.14
N LEU A 213 -22.86 13.40 18.68
CA LEU A 213 -23.59 12.15 18.48
C LEU A 213 -24.49 11.76 19.66
N SER A 214 -24.73 12.67 20.61
CA SER A 214 -25.58 12.36 21.76
C SER A 214 -26.75 13.32 21.78
N PRO A 215 -27.95 12.86 21.44
CA PRO A 215 -29.08 13.77 21.22
C PRO A 215 -29.32 14.75 22.36
N PRO A 216 -29.19 14.35 23.64
CA PRO A 216 -29.40 15.34 24.72
C PRO A 216 -28.40 16.49 24.73
N SER A 217 -27.18 16.30 24.18
CA SER A 217 -26.22 17.40 24.07
C SER A 217 -26.49 18.29 22.86
N ARG A 218 -27.09 17.72 21.80
CA ARG A 218 -27.15 18.37 20.50
C ARG A 218 -28.12 19.56 20.47
N GLY A 219 -28.84 19.86 21.53
CA GLY A 219 -29.50 21.14 21.57
C GLY A 219 -28.73 22.25 22.25
N LEU A 220 -27.51 21.97 22.71
CA LEU A 220 -26.73 22.91 23.49
C LEU A 220 -25.62 23.62 22.71
N PHE A 221 -25.46 23.34 21.41
CA PHE A 221 -24.45 24.00 20.59
C PHE A 221 -24.89 23.96 19.13
N HIS A 222 -24.40 24.92 18.34
CA HIS A 222 -24.84 25.13 16.97
C HIS A 222 -23.84 24.64 15.93
N ARG A 223 -22.56 24.59 16.29
CA ARG A 223 -21.50 24.12 15.40
C ARG A 223 -20.30 23.66 16.21
N ALA A 224 -19.41 22.91 15.55
CA ALA A 224 -18.41 22.12 16.25
C ALA A 224 -17.05 22.20 15.56
N VAL A 225 -15.98 22.28 16.35
CA VAL A 225 -14.60 22.34 15.84
C VAL A 225 -13.81 21.23 16.51
N LEU A 226 -13.20 20.35 15.72
CA LEU A 226 -12.45 19.21 16.27
C LEU A 226 -10.99 19.33 15.86
N GLN A 227 -10.09 19.50 16.83
CA GLN A 227 -8.68 19.67 16.51
C GLN A 227 -7.92 18.43 16.97
N SER A 228 -7.37 17.67 16.00
CA SER A 228 -6.51 16.51 16.27
C SER A 228 -7.20 15.45 17.12
N GLY A 229 -8.48 15.19 16.87
CA GLY A 229 -9.14 14.11 17.59
C GLY A 229 -10.52 13.83 17.01
N ALA A 230 -11.00 12.63 17.25
CA ALA A 230 -12.31 12.22 16.78
C ALA A 230 -12.86 11.17 17.73
N PRO A 231 -14.19 11.14 17.95
CA PRO A 231 -14.77 10.11 18.82
C PRO A 231 -14.58 8.67 18.31
N ASN A 232 -14.32 8.50 17.01
CA ASN A 232 -14.19 7.17 16.42
C ASN A 232 -12.77 6.63 16.42
N GLY A 233 -11.79 7.35 17.00
CA GLY A 233 -10.44 6.84 17.15
C GLY A 233 -10.34 5.58 18.01
N PRO A 234 -9.27 4.80 17.82
CA PRO A 234 -9.12 3.53 18.58
C PRO A 234 -8.97 3.71 20.09
N TRP A 235 -8.61 4.89 20.57
CA TRP A 235 -8.31 5.11 21.98
C TRP A 235 -9.44 5.76 22.75
N ALA A 236 -10.43 6.35 22.07
CA ALA A 236 -11.39 7.23 22.72
C ALA A 236 -12.64 6.54 23.25
N THR A 237 -12.88 5.28 22.90
CA THR A 237 -13.97 4.57 23.55
C THR A 237 -13.51 3.15 23.84
N VAL A 238 -14.26 2.53 24.74
CA VAL A 238 -13.97 1.19 25.22
C VAL A 238 -15.29 0.43 25.28
N GLY A 239 -15.21 -0.89 25.11
CA GLY A 239 -16.40 -1.71 25.20
C GLY A 239 -16.94 -1.78 26.63
N MET A 240 -18.15 -2.32 26.78
CA MET A 240 -18.67 -2.48 28.13
C MET A 240 -17.88 -3.55 28.88
N GLY A 241 -17.73 -4.73 28.28
CA GLY A 241 -16.98 -5.79 28.92
C GLY A 241 -15.58 -5.37 29.32
N GLU A 242 -14.94 -4.55 28.47
CA GLU A 242 -13.58 -4.11 28.78
C GLU A 242 -13.58 -3.07 29.91
N ALA A 243 -14.58 -2.21 29.97
CA ALA A 243 -14.60 -1.21 31.04
C ALA A 243 -14.84 -1.87 32.39
N ARG A 244 -15.71 -2.87 32.43
CA ARG A 244 -15.92 -3.61 33.66
C ARG A 244 -14.67 -4.38 34.04
N ARG A 245 -13.94 -4.85 33.04
CA ARG A 245 -12.70 -5.58 33.29
C ARG A 245 -11.64 -4.67 33.89
N ARG A 246 -11.55 -3.43 33.43
CA ARG A 246 -10.56 -2.52 34.01
C ARG A 246 -11.03 -1.97 35.36
N ALA A 247 -12.33 -1.78 35.56
CA ALA A 247 -12.78 -1.28 36.85
C ALA A 247 -12.57 -2.32 37.93
N THR A 248 -12.78 -3.59 37.58
CA THR A 248 -12.57 -4.64 38.56
C THR A 248 -11.10 -4.80 38.90
N GLN A 249 -10.20 -4.60 37.93
CA GLN A 249 -8.77 -4.73 38.24
C GLN A 249 -8.29 -3.57 39.10
N LEU A 250 -8.76 -2.35 38.83
CA LEU A 250 -8.40 -1.23 39.70
C LEU A 250 -8.80 -1.53 41.14
N ALA A 251 -10.01 -2.04 41.33
CA ALA A 251 -10.47 -2.34 42.68
C ALA A 251 -9.63 -3.43 43.32
N HIS A 252 -9.15 -4.38 42.52
CA HIS A 252 -8.30 -5.42 43.08
C HIS A 252 -6.95 -4.84 43.51
N LEU A 253 -6.29 -4.09 42.63
CA LEU A 253 -5.00 -3.48 42.96
C LEU A 253 -5.06 -2.61 44.20
N VAL A 254 -6.24 -2.09 44.54
CA VAL A 254 -6.39 -1.10 45.60
C VAL A 254 -6.97 -1.73 46.87
N GLY A 255 -7.21 -3.04 46.86
CA GLY A 255 -7.58 -3.76 48.04
C GLY A 255 -9.05 -4.00 48.18
N CYS A 256 -9.83 -3.81 47.14
CA CYS A 256 -11.27 -3.84 47.28
C CYS A 256 -11.81 -5.19 46.85
N PRO A 257 -12.27 -6.04 47.80
CA PRO A 257 -12.74 -7.43 47.64
C PRO A 257 -13.88 -7.57 46.63
N THR B 1 -29.17 -5.94 49.91
CA THR B 1 -28.72 -4.60 49.53
C THR B 1 -27.34 -4.67 48.84
N GLY B 2 -26.56 -5.68 49.20
CA GLY B 2 -25.16 -5.71 48.78
C GLY B 2 -25.00 -6.01 47.31
N GLY B 3 -25.70 -7.03 46.81
CA GLY B 3 -25.41 -7.47 45.46
C GLY B 3 -23.94 -7.80 45.36
N ASN B 4 -23.18 -7.00 44.61
CA ASN B 4 -21.75 -7.24 44.39
C ASN B 4 -21.09 -6.10 43.62
N ASP B 5 -21.82 -5.53 42.67
CA ASP B 5 -21.35 -4.31 42.03
C ASP B 5 -21.40 -3.14 42.98
N THR B 6 -22.50 -3.02 43.72
CA THR B 6 -22.62 -1.96 44.71
C THR B 6 -21.55 -2.11 45.78
N GLU B 7 -21.24 -3.37 46.14
CA GLU B 7 -20.09 -3.67 46.99
C GLU B 7 -18.81 -3.06 46.44
N LEU B 8 -18.51 -3.33 45.18
CA LEU B 8 -17.26 -2.85 44.59
C LEU B 8 -17.12 -1.33 44.68
N VAL B 9 -18.15 -0.60 44.27
CA VAL B 9 -18.02 0.86 44.20
C VAL B 9 -18.00 1.46 45.60
N ALA B 10 -18.79 0.91 46.51
CA ALA B 10 -18.79 1.47 47.86
C ALA B 10 -17.41 1.44 48.48
N CYS B 11 -16.61 0.43 48.15
CA CYS B 11 -15.26 0.31 48.69
C CYS B 11 -14.32 1.30 48.02
N LEU B 12 -14.32 1.32 46.68
CA LEU B 12 -13.57 2.33 45.93
C LEU B 12 -13.85 3.75 46.43
N ARG B 13 -15.02 4.01 47.00
CA ARG B 13 -15.27 5.38 47.45
C ARG B 13 -14.63 5.70 48.78
N THR B 14 -14.16 4.68 49.49
CA THR B 14 -13.42 4.91 50.72
C THR B 14 -11.95 5.22 50.47
N ARG B 15 -11.46 5.04 49.23
CA ARG B 15 -10.02 5.26 49.10
C ARG B 15 -9.74 6.74 48.83
N PRO B 16 -8.67 7.27 49.43
CA PRO B 16 -8.23 8.63 49.08
C PRO B 16 -8.06 8.74 47.58
N ALA B 17 -8.27 9.94 47.06
CA ALA B 17 -8.19 10.07 45.61
C ALA B 17 -6.79 9.71 45.11
N GLN B 18 -5.75 10.08 45.86
CA GLN B 18 -4.39 9.78 45.42
C GLN B 18 -4.16 8.28 45.24
N VAL B 19 -4.77 7.48 46.10
CA VAL B 19 -4.56 6.03 46.00
C VAL B 19 -5.06 5.51 44.67
N LEU B 20 -6.17 6.05 44.18
CA LEU B 20 -6.69 5.55 42.90
C LEU B 20 -5.79 5.97 41.76
N VAL B 21 -5.26 7.19 41.80
CA VAL B 21 -4.41 7.68 40.71
C VAL B 21 -3.15 6.81 40.59
N ASN B 22 -2.51 6.50 41.71
CA ASN B 22 -1.24 5.78 41.66
C ASN B 22 -1.37 4.38 41.11
N HIS B 23 -2.56 3.89 40.78
CA HIS B 23 -2.70 2.58 40.16
C HIS B 23 -3.38 2.64 38.81
N GLU B 24 -3.57 3.85 38.25
CA GLU B 24 -4.38 4.01 37.06
C GLU B 24 -3.77 3.31 35.86
N TRP B 25 -2.50 3.61 35.57
CA TRP B 25 -1.86 3.04 34.40
C TRP B 25 -1.75 1.52 34.48
N HIS B 26 -1.90 0.96 35.68
CA HIS B 26 -1.67 -0.47 35.88
C HIS B 26 -2.80 -1.36 35.36
N VAL B 27 -3.89 -0.82 34.81
CA VAL B 27 -5.02 -1.64 34.42
C VAL B 27 -5.12 -1.80 32.91
N LEU B 28 -4.16 -1.27 32.15
CA LEU B 28 -4.19 -1.41 30.70
C LEU B 28 -3.95 -2.85 30.29
N PRO B 29 -4.59 -3.31 29.21
CA PRO B 29 -4.48 -4.73 28.85
C PRO B 29 -3.09 -5.14 28.41
N GLN B 30 -2.31 -4.25 27.78
CA GLN B 30 -0.91 -4.57 27.50
C GLN B 30 -0.13 -3.29 27.29
N GLU B 31 1.16 -3.45 26.98
CA GLU B 31 2.04 -2.32 26.75
C GLU B 31 1.62 -1.59 25.49
N SER B 32 1.68 -0.28 25.54
CA SER B 32 1.05 0.47 24.46
C SER B 32 1.42 1.93 24.60
N VAL B 33 1.45 2.62 23.47
CA VAL B 33 1.49 4.06 23.48
C VAL B 33 0.15 4.59 22.98
N PHE B 34 -0.24 5.78 23.47
CA PHE B 34 -1.49 6.43 23.08
C PHE B 34 -2.71 5.54 23.38
N ARG B 35 -2.75 5.02 24.60
CA ARG B 35 -3.85 4.27 25.18
C ARG B 35 -4.04 4.72 26.62
N PHE B 36 -5.29 4.88 27.04
CA PHE B 36 -5.60 5.40 28.38
C PHE B 36 -6.66 4.52 29.02
N SER B 37 -6.63 4.41 30.36
CA SER B 37 -7.39 3.34 31.00
C SER B 37 -8.88 3.61 31.07
N PHE B 38 -9.25 4.83 31.42
CA PHE B 38 -10.64 5.17 31.74
C PHE B 38 -11.09 6.23 30.75
N VAL B 39 -11.83 5.78 29.75
CA VAL B 39 -12.30 6.59 28.63
C VAL B 39 -13.80 6.36 28.50
N PRO B 40 -14.48 7.08 27.62
CA PRO B 40 -15.92 6.87 27.43
C PRO B 40 -16.25 5.43 27.08
N VAL B 41 -17.41 4.97 27.56
CA VAL B 41 -17.83 3.59 27.35
C VAL B 41 -19.03 3.58 26.42
N VAL B 42 -19.04 2.63 25.48
CA VAL B 42 -20.21 2.39 24.64
C VAL B 42 -21.18 1.54 25.43
N ASP B 43 -22.05 2.19 26.21
CA ASP B 43 -22.97 1.51 27.13
C ASP B 43 -24.42 1.56 26.68
N GLY B 44 -24.73 2.23 25.57
CA GLY B 44 -26.10 2.43 25.16
C GLY B 44 -26.81 3.58 25.82
N ASP B 45 -26.21 4.21 26.83
CA ASP B 45 -26.81 5.38 27.43
C ASP B 45 -26.35 6.64 26.69
N PHE B 46 -25.25 7.25 27.14
CA PHE B 46 -24.76 8.48 26.49
C PHE B 46 -24.58 8.26 25.00
N LEU B 47 -23.85 7.23 24.62
CA LEU B 47 -23.68 6.84 23.22
C LEU B 47 -24.62 5.67 22.94
N SER B 48 -25.68 5.93 22.16
CA SER B 48 -26.70 4.92 21.88
C SER B 48 -26.13 3.68 21.18
N ASP B 49 -24.91 3.78 20.66
CA ASP B 49 -24.23 2.73 19.90
C ASP B 49 -22.80 3.23 19.74
N THR B 50 -21.96 2.45 19.05
CA THR B 50 -20.56 2.85 18.90
C THR B 50 -20.47 4.14 18.09
N PRO B 51 -19.44 4.96 18.33
CA PRO B 51 -19.37 6.23 17.61
C PRO B 51 -19.33 6.01 16.12
N GLU B 52 -18.67 4.95 15.68
CA GLU B 52 -18.63 4.66 14.25
C GLU B 52 -20.03 4.42 13.70
N ALA B 53 -20.80 3.56 14.38
CA ALA B 53 -22.15 3.25 13.93
C ALA B 53 -23.02 4.49 13.86
N LEU B 54 -22.95 5.34 14.88
CA LEU B 54 -23.71 6.59 14.89
C LEU B 54 -23.35 7.48 13.71
N ILE B 55 -22.06 7.62 13.40
CA ILE B 55 -21.64 8.45 12.25
C ILE B 55 -22.27 7.92 10.97
N ASN B 56 -22.02 6.65 10.65
CA ASN B 56 -22.46 6.07 9.39
C ASN B 56 -23.95 6.25 9.16
N ALA B 57 -24.75 6.18 10.22
CA ALA B 57 -26.18 6.19 10.09
C ALA B 57 -26.80 7.54 10.43
N GLY B 58 -26.00 8.53 10.78
CA GLY B 58 -26.52 9.81 11.19
C GLY B 58 -26.70 10.80 10.04
N ASP B 59 -27.67 11.71 10.22
CA ASP B 59 -27.95 12.78 9.26
C ASP B 59 -27.54 14.11 9.84
N PHE B 60 -26.69 14.86 9.11
CA PHE B 60 -26.05 16.05 9.65
C PHE B 60 -26.33 17.30 8.84
N HIS B 61 -27.44 17.36 8.11
CA HIS B 61 -27.82 18.62 7.49
C HIS B 61 -28.02 19.68 8.58
N GLY B 62 -27.61 20.91 8.27
CA GLY B 62 -27.74 22.02 9.19
C GLY B 62 -26.59 22.23 10.15
N LEU B 63 -25.48 21.50 9.99
CA LEU B 63 -24.35 21.54 10.87
C LEU B 63 -23.11 22.00 10.10
N GLN B 64 -22.32 22.87 10.70
CA GLN B 64 -21.02 23.22 10.16
C GLN B 64 -19.94 22.72 11.10
N VAL B 65 -18.90 22.13 10.53
CA VAL B 65 -17.85 21.48 11.30
C VAL B 65 -16.52 21.96 10.77
N LEU B 66 -15.58 22.19 11.68
CA LEU B 66 -14.25 22.64 11.30
C LEU B 66 -13.25 21.70 11.96
N VAL B 67 -12.47 20.98 11.16
CA VAL B 67 -11.61 19.91 11.65
C VAL B 67 -10.21 20.06 11.07
N GLY B 68 -9.23 19.47 11.76
CA GLY B 68 -7.85 19.51 11.30
C GLY B 68 -6.90 18.73 12.19
N VAL B 69 -5.65 18.65 11.73
CA VAL B 69 -4.55 17.90 12.36
C VAL B 69 -3.28 18.73 12.22
N VAL B 70 -2.25 18.35 12.97
CA VAL B 70 -0.94 18.97 12.80
C VAL B 70 -0.09 18.08 11.91
N LYS B 71 1.07 18.59 11.48
CA LYS B 71 1.91 17.86 10.54
C LYS B 71 2.35 16.51 11.11
N ASP B 72 2.81 16.48 12.36
CA ASP B 72 3.39 15.26 12.93
C ASP B 72 2.64 14.83 14.18
N GLU B 73 1.46 14.21 13.99
CA GLU B 73 0.63 13.81 15.12
C GLU B 73 1.34 12.78 16.00
N GLY B 74 2.04 11.83 15.39
CA GLY B 74 2.51 10.67 16.14
C GLY B 74 3.77 10.91 16.96
N SER B 75 4.57 11.91 16.60
CA SER B 75 5.93 11.98 17.12
C SER B 75 5.96 12.16 18.63
N TYR B 76 5.01 12.92 19.18
CA TYR B 76 5.00 13.20 20.62
C TYR B 76 4.85 11.92 21.44
N PHE B 77 4.02 11.00 20.98
CA PHE B 77 3.68 9.83 21.78
C PHE B 77 4.82 8.83 21.81
N LEU B 78 5.65 8.80 20.77
CA LEU B 78 6.68 7.76 20.70
C LEU B 78 7.61 7.81 21.90
N VAL B 79 7.94 9.01 22.39
CA VAL B 79 8.88 9.11 23.51
C VAL B 79 8.32 8.61 24.83
N TYR B 80 7.03 8.28 24.89
CA TYR B 80 6.38 7.71 26.08
C TYR B 80 6.16 6.21 25.94
N GLY B 81 7.14 5.47 25.45
CA GLY B 81 6.97 4.03 25.44
C GLY B 81 7.52 3.27 24.24
N ALA B 82 7.85 3.96 23.15
CA ALA B 82 8.38 3.20 22.02
C ALA B 82 9.87 2.94 22.23
N PRO B 83 10.35 1.75 21.86
CA PRO B 83 11.76 1.42 22.09
C PRO B 83 12.70 2.30 21.27
N GLY B 84 13.75 2.78 21.92
CA GLY B 84 14.75 3.59 21.26
C GLY B 84 14.47 5.06 21.19
N PHE B 85 13.28 5.51 21.60
CA PHE B 85 12.89 6.90 21.43
C PHE B 85 13.19 7.75 22.65
N SER B 86 13.62 8.98 22.40
CA SER B 86 13.87 9.96 23.44
C SER B 86 13.88 11.36 22.85
N LYS B 87 13.35 12.31 23.63
CA LYS B 87 13.50 13.72 23.33
C LYS B 87 14.95 14.15 23.23
N ASP B 88 15.88 13.42 23.87
CA ASP B 88 17.21 13.92 24.15
C ASP B 88 18.27 13.42 23.17
N ASN B 89 17.91 12.56 22.22
CA ASN B 89 18.80 12.23 21.11
C ASN B 89 18.00 12.28 19.81
N GLU B 90 18.53 11.68 18.75
CA GLU B 90 17.89 11.70 17.45
C GLU B 90 16.85 10.61 17.27
N SER B 91 16.77 9.67 18.22
CA SER B 91 15.83 8.56 18.13
C SER B 91 15.98 7.79 16.82
N LEU B 92 17.23 7.58 16.39
CA LEU B 92 17.49 6.83 15.16
C LEU B 92 17.36 5.35 15.48
N ILE B 93 16.14 4.83 15.40
CA ILE B 93 15.85 3.48 15.86
C ILE B 93 16.36 2.45 14.84
N SER B 94 16.59 1.24 15.32
CA SER B 94 16.93 0.10 14.48
C SER B 94 15.67 -0.52 13.90
N ARG B 95 15.83 -1.41 12.93
CA ARG B 95 14.65 -2.07 12.38
C ARG B 95 13.95 -2.92 13.44
N ALA B 96 14.72 -3.63 14.28
CA ALA B 96 14.05 -4.48 15.27
C ALA B 96 13.34 -3.65 16.30
N GLU B 97 13.89 -2.47 16.62
CA GLU B 97 13.16 -1.52 17.45
C GLU B 97 11.90 -1.04 16.75
N PHE B 98 11.97 -0.86 15.43
CA PHE B 98 10.80 -0.42 14.66
C PHE B 98 9.70 -1.48 14.70
N LEU B 99 10.04 -2.73 14.36
CA LEU B 99 9.03 -3.79 14.40
C LEU B 99 8.42 -3.93 15.79
N ALA B 100 9.24 -3.81 16.83
CA ALA B 100 8.70 -3.86 18.18
C ALA B 100 7.84 -2.63 18.47
N GLY B 101 8.25 -1.47 17.96
CA GLY B 101 7.43 -0.27 18.08
C GLY B 101 6.07 -0.38 17.42
N VAL B 102 5.93 -1.24 16.39
CA VAL B 102 4.64 -1.35 15.73
C VAL B 102 3.66 -2.12 16.61
N ARG B 103 4.14 -3.13 17.34
CA ARG B 103 3.25 -3.87 18.24
C ARG B 103 2.80 -3.00 19.41
N VAL B 104 3.62 -2.04 19.80
CA VAL B 104 3.23 -1.13 20.86
C VAL B 104 2.30 -0.03 20.33
N GLY B 105 2.56 0.48 19.13
CA GLY B 105 1.73 1.53 18.56
C GLY B 105 0.39 1.04 18.10
N VAL B 106 0.35 -0.17 17.56
CA VAL B 106 -0.89 -0.82 17.16
C VAL B 106 -1.12 -2.02 18.07
N PRO B 107 -1.58 -1.84 19.30
CA PRO B 107 -1.81 -2.98 20.19
C PRO B 107 -3.13 -3.63 19.86
N GLN B 108 -3.33 -4.83 20.43
CA GLN B 108 -4.59 -5.55 20.27
C GLN B 108 -4.87 -5.83 18.79
N VAL B 109 -3.92 -6.45 18.12
CA VAL B 109 -4.00 -6.65 16.68
C VAL B 109 -3.16 -7.88 16.35
N SER B 110 -3.63 -8.64 15.35
CA SER B 110 -3.03 -9.94 15.08
C SER B 110 -1.67 -9.81 14.39
N ASP B 111 -0.95 -10.94 14.34
CA ASP B 111 0.34 -10.98 13.68
C ASP B 111 0.20 -10.57 12.21
N LEU B 112 -0.73 -11.23 11.50
CA LEU B 112 -1.04 -10.88 10.13
C LEU B 112 -1.37 -9.40 10.00
N ALA B 113 -2.11 -8.85 10.96
CA ALA B 113 -2.49 -7.46 10.84
C ALA B 113 -1.27 -6.55 10.96
N ALA B 114 -0.27 -6.94 11.74
CA ALA B 114 0.88 -6.07 11.88
C ALA B 114 1.87 -6.28 10.76
N GLU B 115 1.88 -7.47 10.13
CA GLU B 115 2.57 -7.59 8.87
C GLU B 115 2.06 -6.55 7.90
N ALA B 116 0.73 -6.46 7.77
CA ALA B 116 0.13 -5.51 6.84
C ALA B 116 0.55 -4.09 7.16
N VAL B 117 0.78 -3.78 8.43
CA VAL B 117 1.26 -2.44 8.75
C VAL B 117 2.70 -2.28 8.29
N VAL B 118 3.51 -3.31 8.52
CA VAL B 118 4.90 -3.23 8.08
C VAL B 118 4.98 -3.17 6.56
N LEU B 119 4.05 -3.85 5.88
CA LEU B 119 4.00 -3.75 4.43
C LEU B 119 3.81 -2.31 3.99
N HIS B 120 2.80 -1.65 4.55
CA HIS B 120 2.44 -0.30 4.13
C HIS B 120 3.54 0.71 4.47
N TYR B 121 4.25 0.51 5.58
CA TYR B 121 5.04 1.60 6.17
C TYR B 121 6.54 1.43 6.06
N THR B 122 7.05 0.35 5.49
CA THR B 122 8.49 0.30 5.32
C THR B 122 8.88 0.55 3.86
N ASP B 123 10.09 1.04 3.68
CA ASP B 123 10.62 1.36 2.37
C ASP B 123 11.50 0.18 1.96
N TRP B 124 10.93 -0.75 1.20
CA TRP B 124 11.63 -2.01 0.92
C TRP B 124 12.86 -1.84 0.06
N LEU B 125 13.18 -0.61 -0.34
CA LEU B 125 14.51 -0.32 -0.84
C LEU B 125 15.49 -0.07 0.30
N HIS B 126 15.04 0.61 1.36
CA HIS B 126 15.86 0.96 2.52
C HIS B 126 15.16 0.46 3.77
N PRO B 127 15.04 -0.86 3.94
CA PRO B 127 14.27 -1.39 5.08
C PRO B 127 14.87 -1.05 6.42
N GLU B 128 16.09 -0.50 6.46
CA GLU B 128 16.82 -0.38 7.71
C GLU B 128 17.39 1.00 7.98
N ASP B 129 17.20 1.98 7.09
CA ASP B 129 17.59 3.35 7.35
C ASP B 129 16.92 3.86 8.62
N PRO B 130 17.69 4.14 9.68
CA PRO B 130 17.06 4.51 10.96
C PRO B 130 16.21 5.78 10.91
N ALA B 131 16.65 6.84 10.22
CA ALA B 131 15.81 8.03 10.12
C ALA B 131 14.51 7.70 9.42
N ARG B 132 14.59 6.94 8.31
CA ARG B 132 13.38 6.58 7.60
C ARG B 132 12.42 5.82 8.51
N LEU B 133 12.95 4.96 9.38
CA LEU B 133 12.10 4.16 10.25
C LEU B 133 11.51 4.98 11.38
N ARG B 134 12.24 5.97 11.88
CA ARG B 134 11.69 6.86 12.88
C ARG B 134 10.45 7.56 12.35
N GLU B 135 10.55 8.14 11.16
CA GLU B 135 9.39 8.82 10.58
C GLU B 135 8.28 7.84 10.29
N ALA B 136 8.62 6.63 9.84
CA ALA B 136 7.60 5.63 9.57
C ALA B 136 6.79 5.33 10.83
N LEU B 137 7.46 5.06 11.95
CA LEU B 137 6.72 4.77 13.17
C LEU B 137 5.90 5.97 13.60
N SER B 138 6.51 7.17 13.53
CA SER B 138 5.76 8.39 13.80
C SER B 138 4.49 8.46 12.97
N ASP B 139 4.56 8.01 11.72
CA ASP B 139 3.38 8.01 10.86
C ASP B 139 2.41 6.91 11.27
N VAL B 140 2.90 5.72 11.63
CA VAL B 140 2.00 4.64 12.01
C VAL B 140 1.13 5.08 13.18
N VAL B 141 1.75 5.65 14.21
CA VAL B 141 1.00 6.02 15.41
C VAL B 141 0.08 7.19 15.13
N GLY B 142 0.62 8.23 14.48
CA GLY B 142 -0.17 9.40 14.21
C GLY B 142 -1.28 9.15 13.21
N ASP B 143 -1.02 8.36 12.17
CA ASP B 143 -2.12 8.01 11.28
C ASP B 143 -3.20 7.26 12.05
N HIS B 144 -2.83 6.13 12.67
CA HIS B 144 -3.81 5.18 13.23
C HIS B 144 -4.67 5.82 14.30
N ASN B 145 -4.10 6.75 15.07
CA ASN B 145 -4.76 7.34 16.22
C ASN B 145 -5.44 8.67 15.95
N VAL B 146 -4.92 9.48 15.04
CA VAL B 146 -5.52 10.79 14.82
C VAL B 146 -6.02 10.91 13.39
N VAL B 147 -5.08 10.97 12.44
CA VAL B 147 -5.41 11.48 11.11
C VAL B 147 -6.49 10.63 10.44
N CYS B 148 -6.32 9.31 10.42
CA CYS B 148 -7.35 8.58 9.67
C CYS B 148 -8.70 8.53 10.39
N PRO B 149 -8.74 8.49 11.72
CA PRO B 149 -10.02 8.77 12.40
C PRO B 149 -10.65 10.11 12.02
N VAL B 150 -9.88 11.19 12.03
CA VAL B 150 -10.40 12.49 11.61
C VAL B 150 -10.91 12.42 10.16
N ALA B 151 -10.05 11.95 9.25
CA ALA B 151 -10.44 11.91 7.84
C ALA B 151 -11.66 11.03 7.59
N GLN B 152 -11.85 9.98 8.39
CA GLN B 152 -13.04 9.15 8.24
C GLN B 152 -14.28 9.92 8.66
N LEU B 153 -14.22 10.54 9.84
CA LEU B 153 -15.32 11.37 10.32
C LEU B 153 -15.64 12.47 9.32
N ALA B 154 -14.62 13.15 8.80
CA ALA B 154 -14.87 14.33 7.99
C ALA B 154 -15.56 13.94 6.67
N GLY B 155 -15.07 12.89 6.02
CA GLY B 155 -15.75 12.41 4.83
C GLY B 155 -17.19 12.03 5.09
N ARG B 156 -17.50 11.59 6.30
CA ARG B 156 -18.85 11.10 6.48
C ARG B 156 -19.83 12.20 6.85
N LEU B 157 -19.43 13.10 7.75
CA LEU B 157 -20.23 14.29 7.99
C LEU B 157 -20.53 15.02 6.68
N ALA B 158 -19.49 15.22 5.87
CA ALA B 158 -19.65 15.96 4.63
C ALA B 158 -20.63 15.28 3.69
N ALA B 159 -20.52 13.96 3.58
CA ALA B 159 -21.33 13.21 2.63
C ALA B 159 -22.77 13.08 3.07
N GLN B 160 -23.08 13.43 4.33
CA GLN B 160 -24.38 13.16 4.92
C GLN B 160 -25.04 14.45 5.42
N GLY B 161 -24.65 15.58 4.85
CA GLY B 161 -25.37 16.83 5.00
C GLY B 161 -24.64 17.89 5.78
N ALA B 162 -23.48 17.59 6.34
CA ALA B 162 -22.72 18.62 7.02
C ALA B 162 -22.03 19.52 6.01
N ARG B 163 -21.42 20.56 6.54
CA ARG B 163 -20.62 21.50 5.75
C ARG B 163 -19.30 21.64 6.49
N VAL B 164 -18.24 21.05 5.93
CA VAL B 164 -17.00 20.74 6.67
C VAL B 164 -15.85 21.54 6.11
N TYR B 165 -14.99 22.03 6.99
CA TYR B 165 -13.77 22.68 6.60
C TYR B 165 -12.61 21.98 7.30
N ALA B 166 -11.50 21.77 6.60
CA ALA B 166 -10.38 20.98 7.10
C ALA B 166 -9.07 21.74 6.93
N TYR B 167 -8.15 21.58 7.88
CA TYR B 167 -6.82 22.15 7.81
C TYR B 167 -5.76 21.10 8.16
N VAL B 168 -4.54 21.33 7.67
CA VAL B 168 -3.34 20.76 8.29
C VAL B 168 -2.54 21.91 8.86
N PHE B 169 -2.28 21.87 10.15
CA PHE B 169 -1.48 22.89 10.81
C PHE B 169 -0.01 22.49 10.70
N GLU B 170 0.80 23.32 10.05
CA GLU B 170 2.18 22.89 9.83
C GLU B 170 3.18 24.03 10.02
N HIS B 171 3.05 24.78 11.09
CA HIS B 171 4.09 25.70 11.51
C HIS B 171 4.69 25.23 12.84
N ARG B 172 6.01 25.32 12.92
CA ARG B 172 6.71 24.88 14.11
C ARG B 172 7.05 26.12 14.94
N ALA B 173 6.52 26.18 16.15
CA ALA B 173 6.67 27.39 16.96
C ALA B 173 8.15 27.72 17.12
N SER B 174 8.49 28.99 16.91
CA SER B 174 9.87 29.40 17.10
C SER B 174 10.35 29.16 18.53
N THR B 175 9.43 29.10 19.50
CA THR B 175 9.75 28.88 20.90
C THR B 175 9.70 27.41 21.30
N LEU B 176 9.55 26.49 20.36
CA LEU B 176 9.23 25.10 20.70
C LEU B 176 10.41 24.45 21.41
N SER B 177 10.12 23.76 22.52
CA SER B 177 11.15 23.16 23.37
C SER B 177 11.42 21.69 23.06
N TRP B 178 10.54 21.02 22.29
CA TRP B 178 10.80 19.66 21.84
C TRP B 178 11.91 19.68 20.77
N PRO B 179 12.55 18.53 20.53
CA PRO B 179 13.62 18.49 19.54
C PRO B 179 13.08 18.60 18.12
N LEU B 180 14.00 18.88 17.20
CA LEU B 180 13.62 19.14 15.82
C LEU B 180 12.95 17.92 15.17
N TRP B 181 13.41 16.71 15.47
CA TRP B 181 12.90 15.57 14.72
C TRP B 181 11.42 15.34 14.93
N MET B 182 10.83 15.92 15.97
CA MET B 182 9.40 15.74 16.18
C MET B 182 8.57 16.68 15.31
N GLY B 183 9.17 17.73 14.77
CA GLY B 183 8.46 18.52 13.79
C GLY B 183 7.43 19.42 14.45
N VAL B 184 6.18 19.32 13.98
CA VAL B 184 5.07 20.04 14.59
C VAL B 184 4.25 19.02 15.35
N PRO B 185 4.48 18.85 16.64
CA PRO B 185 3.87 17.73 17.37
C PRO B 185 2.46 18.04 17.84
N HIS B 186 1.80 16.95 18.22
CA HIS B 186 0.45 16.95 18.77
C HIS B 186 0.25 18.01 19.82
N GLY B 187 -0.76 18.85 19.61
CA GLY B 187 -1.09 19.88 20.54
C GLY B 187 -0.41 21.21 20.35
N TYR B 188 0.46 21.40 19.36
CA TYR B 188 1.21 22.65 19.30
C TYR B 188 0.66 23.64 18.28
N GLU B 189 -0.60 23.47 17.88
CA GLU B 189 -1.34 24.57 17.28
C GLU B 189 -2.10 25.40 18.31
N ILE B 190 -2.35 24.85 19.51
CA ILE B 190 -3.25 25.49 20.46
C ILE B 190 -2.76 26.89 20.82
N GLU B 191 -1.45 27.02 21.08
CA GLU B 191 -0.82 28.31 21.37
C GLU B 191 -1.30 29.39 20.40
N PHE B 192 -1.35 29.01 19.13
CA PHE B 192 -1.62 30.00 18.11
C PHE B 192 -3.09 30.31 18.02
N ILE B 193 -3.94 29.32 18.24
CA ILE B 193 -5.38 29.56 18.14
C ILE B 193 -5.87 30.41 19.30
N PHE B 194 -5.27 30.29 20.49
CA PHE B 194 -5.57 31.17 21.61
C PHE B 194 -4.77 32.47 21.57
N GLY B 195 -4.02 32.68 20.48
CA GLY B 195 -3.22 33.88 20.30
C GLY B 195 -2.19 34.13 21.38
N ILE B 196 -1.62 33.07 21.93
CA ILE B 196 -0.56 33.24 22.94
C ILE B 196 0.59 34.08 22.43
N PRO B 197 1.03 33.99 21.16
CA PRO B 197 2.09 34.88 20.67
C PRO B 197 1.86 36.35 20.97
N LEU B 198 0.60 36.74 21.17
CA LEU B 198 0.30 38.12 21.49
C LEU B 198 0.81 38.50 22.88
N ASP B 199 1.10 37.53 23.72
CA ASP B 199 1.55 37.79 25.09
C ASP B 199 2.97 38.32 25.05
N PRO B 200 3.21 39.54 25.55
CA PRO B 200 4.56 40.12 25.43
C PRO B 200 5.64 39.30 26.13
N SER B 201 5.29 38.55 27.18
CA SER B 201 6.31 37.83 27.95
C SER B 201 6.86 36.65 27.16
N ARG B 202 6.00 35.86 26.53
CA ARG B 202 6.46 34.82 25.61
C ARG B 202 7.17 35.48 24.43
N ASN B 203 8.31 34.91 24.02
CA ASN B 203 9.23 35.60 23.11
C ASN B 203 9.01 35.18 21.65
N TYR B 204 7.78 35.31 21.16
CA TYR B 204 7.45 34.94 19.79
C TYR B 204 7.89 36.00 18.80
N THR B 205 8.06 35.58 17.56
CA THR B 205 8.53 36.49 16.52
C THR B 205 7.38 37.37 16.04
N ALA B 206 7.75 38.47 15.41
CA ALA B 206 6.75 39.44 14.96
C ALA B 206 5.82 38.82 13.91
N GLU B 207 6.39 38.08 12.95
CA GLU B 207 5.56 37.41 11.95
C GLU B 207 4.68 36.35 12.59
N GLU B 208 5.04 35.84 13.77
CA GLU B 208 4.25 34.82 14.44
C GLU B 208 3.03 35.41 15.11
N LYS B 209 3.10 36.64 15.60
CA LYS B 209 1.91 37.30 16.10
C LYS B 209 0.88 37.50 14.98
N ILE B 210 1.34 37.99 13.82
CA ILE B 210 0.44 38.09 12.67
C ILE B 210 -0.24 36.75 12.38
N PHE B 211 0.53 35.66 12.41
CA PHE B 211 -0.05 34.36 12.13
C PHE B 211 -1.16 34.02 13.10
N ALA B 212 -0.97 34.31 14.40
CA ALA B 212 -2.00 34.01 15.37
C ALA B 212 -3.23 34.90 15.19
N GLN B 213 -3.01 36.20 14.96
CA GLN B 213 -4.13 37.09 14.68
C GLN B 213 -4.94 36.60 13.49
N ARG B 214 -4.23 36.12 12.46
CA ARG B 214 -4.89 35.48 11.34
C ARG B 214 -5.72 34.28 11.79
N LEU B 215 -5.10 33.36 12.53
CA LEU B 215 -5.79 32.12 12.89
C LEU B 215 -6.99 32.37 13.79
N MET B 216 -6.88 33.29 14.75
CA MET B 216 -8.04 33.63 15.56
C MET B 216 -9.21 34.07 14.69
N ARG B 217 -8.91 34.83 13.64
CA ARG B 217 -9.94 35.32 12.73
C ARG B 217 -10.66 34.17 12.03
N TYR B 218 -9.93 33.20 11.47
CA TYR B 218 -10.60 32.02 10.92
C TYR B 218 -11.54 31.39 11.94
N TRP B 219 -11.06 31.22 13.19
CA TRP B 219 -11.86 30.52 14.21
C TRP B 219 -13.07 31.35 14.63
N ALA B 220 -12.87 32.63 14.94
CA ALA B 220 -14.00 33.51 15.21
C ALA B 220 -15.01 33.48 14.07
N ASN B 221 -14.58 33.81 12.83
CA ASN B 221 -15.43 33.72 11.64
C ASN B 221 -16.26 32.44 11.61
N PHE B 222 -15.63 31.27 11.76
CA PHE B 222 -16.40 30.03 11.74
C PHE B 222 -17.46 30.03 12.84
N ALA B 223 -17.06 30.36 14.08
CA ALA B 223 -18.06 30.53 15.13
C ALA B 223 -19.19 31.43 14.66
N ARG B 224 -18.83 32.61 14.15
CA ARG B 224 -19.83 33.61 13.78
C ARG B 224 -20.77 33.10 12.70
N THR B 225 -20.23 32.49 11.63
CA THR B 225 -21.04 32.18 10.47
C THR B 225 -20.95 30.75 9.94
N GLY B 226 -20.24 29.85 10.60
CA GLY B 226 -20.07 28.51 10.05
C GLY B 226 -19.22 28.46 8.81
N ASP B 227 -18.44 29.50 8.53
CA ASP B 227 -17.59 29.61 7.36
C ASP B 227 -16.35 30.38 7.77
N PRO B 228 -15.14 29.79 7.69
CA PRO B 228 -13.95 30.56 8.10
C PRO B 228 -13.62 31.71 7.19
N ASN B 229 -14.10 31.72 5.95
CA ASN B 229 -13.67 32.77 5.05
C ASN B 229 -14.28 34.11 5.45
N GLU B 230 -13.75 35.16 4.87
CA GLU B 230 -14.37 36.46 5.05
C GLU B 230 -15.40 36.70 3.93
N PRO B 231 -16.65 37.05 4.27
CA PRO B 231 -17.68 37.23 3.23
C PRO B 231 -17.38 38.35 2.25
N ARG B 232 -16.85 39.47 2.73
CA ARG B 232 -16.69 40.67 1.86
C ARG B 232 -15.28 40.73 1.28
N ASP B 233 -14.45 39.78 1.57
CA ASP B 233 -13.13 39.67 0.98
C ASP B 233 -13.17 38.46 0.03
N PRO B 234 -13.74 38.60 -1.17
CA PRO B 234 -13.69 37.48 -2.12
C PRO B 234 -12.29 37.17 -2.63
N LYS B 235 -11.47 38.20 -2.91
CA LYS B 235 -10.16 38.03 -3.53
C LYS B 235 -9.11 37.43 -2.58
N ALA B 236 -9.40 37.31 -1.29
CA ALA B 236 -8.51 36.62 -0.38
C ALA B 236 -8.58 35.11 -0.64
N PRO B 237 -7.46 34.38 -0.43
CA PRO B 237 -7.46 32.94 -0.74
C PRO B 237 -8.55 32.19 0.00
N GLN B 238 -9.48 31.61 -0.79
CA GLN B 238 -10.63 30.93 -0.22
C GLN B 238 -10.22 29.58 0.39
N TRP B 239 -10.79 29.29 1.54
CA TRP B 239 -10.71 27.97 2.16
C TRP B 239 -11.93 27.20 1.66
N PRO B 240 -11.77 26.23 0.75
CA PRO B 240 -12.93 25.48 0.25
C PRO B 240 -13.35 24.41 1.23
N PRO B 241 -14.60 23.96 1.16
CA PRO B 241 -15.06 22.93 2.10
C PRO B 241 -14.58 21.54 1.70
N TYR B 242 -14.06 20.80 2.68
CA TYR B 242 -13.77 19.39 2.49
C TYR B 242 -15.01 18.61 2.09
N THR B 243 -14.91 17.83 1.02
CA THR B 243 -15.92 16.89 0.60
C THR B 243 -15.29 15.52 0.40
N ALA B 244 -16.11 14.48 0.38
CA ALA B 244 -15.56 13.13 0.28
C ALA B 244 -14.87 12.89 -1.06
N GLY B 245 -15.41 13.45 -2.15
CA GLY B 245 -14.78 13.33 -3.45
C GLY B 245 -13.45 14.06 -3.57
N ALA B 246 -13.51 15.40 -3.55
CA ALA B 246 -12.33 16.23 -3.79
C ALA B 246 -11.38 16.34 -2.60
N GLN B 247 -11.85 16.05 -1.38
CA GLN B 247 -10.99 15.94 -0.21
C GLN B 247 -10.04 17.14 -0.04
N GLN B 248 -10.54 18.34 -0.30
CA GLN B 248 -9.73 19.55 -0.18
C GLN B 248 -9.59 20.02 1.26
N TYR B 249 -8.36 20.44 1.61
CA TYR B 249 -8.05 21.06 2.89
C TYR B 249 -7.10 22.23 2.63
N VAL B 250 -6.81 23.01 3.67
CA VAL B 250 -5.82 24.08 3.55
C VAL B 250 -4.66 23.80 4.47
N SER B 251 -3.53 24.44 4.16
CA SER B 251 -2.37 24.40 5.01
C SER B 251 -2.34 25.70 5.81
N LEU B 252 -2.31 25.60 7.13
CA LEU B 252 -2.14 26.76 7.97
C LEU B 252 -0.65 26.86 8.32
N ASP B 253 0.02 27.87 7.78
CA ASP B 253 1.39 28.18 8.20
C ASP B 253 1.64 29.66 7.88
N LEU B 254 2.89 30.08 7.89
CA LEU B 254 3.16 31.49 7.72
C LEU B 254 2.89 31.97 6.31
N ARG B 255 2.86 31.08 5.31
CA ARG B 255 2.55 31.48 3.95
C ARG B 255 1.03 31.63 3.81
N PRO B 256 0.56 32.40 2.83
CA PRO B 256 -0.88 32.51 2.60
C PRO B 256 -1.51 31.14 2.37
N LEU B 257 -2.82 31.09 2.53
CA LEU B 257 -3.52 29.80 2.47
C LEU B 257 -3.17 29.04 1.20
N GLU B 258 -3.04 27.72 1.32
CA GLU B 258 -2.78 26.87 0.18
C GLU B 258 -3.70 25.65 0.25
N VAL B 259 -4.35 25.32 -0.85
CA VAL B 259 -5.28 24.20 -0.89
C VAL B 259 -4.52 22.96 -1.33
N ARG B 260 -4.79 21.85 -0.62
CA ARG B 260 -4.28 20.54 -0.98
C ARG B 260 -5.44 19.58 -1.10
N ARG B 261 -5.20 18.45 -1.74
CA ARG B 261 -6.20 17.40 -1.88
C ARG B 261 -5.73 16.16 -1.14
N GLY B 262 -6.65 15.55 -0.39
CA GLY B 262 -6.39 14.27 0.22
C GLY B 262 -5.62 14.31 1.53
N LEU B 263 -6.32 13.96 2.60
CA LEU B 263 -5.77 13.86 3.96
C LEU B 263 -5.18 12.48 4.13
N ARG B 264 -3.88 12.36 3.83
CA ARG B 264 -3.18 11.09 3.70
C ARG B 264 -4.09 10.00 3.13
N ALA B 265 -4.65 10.24 1.94
CA ALA B 265 -5.65 9.35 1.37
C ALA B 265 -5.18 7.90 1.30
N GLN B 266 -3.92 7.68 0.91
CA GLN B 266 -3.44 6.32 0.65
C GLN B 266 -3.30 5.53 1.94
N ALA B 267 -2.76 6.16 2.99
CA ALA B 267 -2.67 5.50 4.28
C ALA B 267 -4.07 5.19 4.82
N CYS B 268 -4.96 6.18 4.76
CA CYS B 268 -6.22 6.04 5.47
C CYS B 268 -7.15 5.01 4.82
N ALA B 269 -6.87 4.60 3.59
CA ALA B 269 -7.61 3.48 3.02
C ALA B 269 -7.30 2.18 3.76
N PHE B 270 -6.03 2.02 4.16
CA PHE B 270 -5.64 0.86 4.95
C PHE B 270 -6.33 0.87 6.30
N TRP B 271 -6.23 1.99 7.02
CA TRP B 271 -6.69 1.98 8.40
C TRP B 271 -8.19 1.94 8.50
N ASN B 272 -8.89 2.68 7.64
CA ASN B 272 -10.35 2.81 7.74
C ASN B 272 -11.12 1.80 6.93
N ARG B 273 -10.51 1.17 5.93
CA ARG B 273 -11.26 0.28 5.05
C ARG B 273 -10.69 -1.13 5.01
N PHE B 274 -9.38 -1.31 4.80
CA PHE B 274 -8.86 -2.67 4.65
C PHE B 274 -8.63 -3.36 5.99
N LEU B 275 -7.92 -2.70 6.90
CA LEU B 275 -7.62 -3.31 8.20
C LEU B 275 -8.83 -3.88 8.90
N PRO B 276 -9.95 -3.13 9.06
CA PRO B 276 -11.16 -3.73 9.63
C PRO B 276 -11.58 -5.01 8.92
N LYS B 277 -11.55 -5.03 7.60
CA LYS B 277 -11.92 -6.25 6.88
C LYS B 277 -10.97 -7.39 7.20
N LEU B 278 -9.70 -7.07 7.47
CA LEU B 278 -8.70 -8.11 7.70
C LEU B 278 -8.88 -8.73 9.07
N LEU B 279 -9.17 -7.90 10.08
CA LEU B 279 -9.39 -8.39 11.43
C LEU B 279 -10.64 -9.26 11.53
N SER B 280 -11.63 -9.02 10.66
CA SER B 280 -12.86 -9.81 10.66
C SER B 280 -12.66 -11.18 10.03
N ALA B 281 -12.07 -11.22 8.83
CA ALA B 281 -11.89 -12.48 8.14
C ALA B 281 -10.76 -13.32 8.72
N THR B 282 -10.10 -12.85 9.78
CA THR B 282 -9.17 -13.67 10.56
C THR B 282 -9.44 -13.52 12.07
N ASP C 4 30.80 -21.09 -50.36
CA ASP C 4 29.75 -21.84 -51.05
C ASP C 4 29.76 -23.29 -50.59
N ALA C 5 30.96 -23.87 -50.53
CA ALA C 5 31.12 -25.23 -50.04
C ALA C 5 30.78 -25.36 -48.57
N GLU C 6 30.64 -24.26 -47.84
CA GLU C 6 30.32 -24.29 -46.43
C GLU C 6 28.83 -24.48 -46.18
N LEU C 7 28.09 -24.84 -47.22
CA LEU C 7 26.65 -25.10 -47.11
C LEU C 7 26.33 -26.59 -47.12
N LEU C 8 27.34 -27.46 -47.16
CA LEU C 8 27.16 -28.89 -46.95
C LEU C 8 27.89 -29.29 -45.68
N VAL C 9 27.12 -29.74 -44.68
CA VAL C 9 27.63 -30.06 -43.36
C VAL C 9 27.00 -31.38 -42.92
N THR C 10 27.73 -32.11 -42.06
CA THR C 10 27.36 -33.47 -41.69
C THR C 10 27.28 -33.60 -40.17
N VAL C 11 26.09 -33.88 -39.66
CA VAL C 11 25.86 -34.11 -38.24
C VAL C 11 25.82 -35.62 -38.01
N ARG C 12 25.64 -36.04 -36.75
CA ARG C 12 25.71 -37.47 -36.47
C ARG C 12 24.62 -38.25 -37.20
N GLY C 13 23.48 -37.61 -37.47
CA GLY C 13 22.39 -38.29 -38.16
C GLY C 13 22.56 -38.47 -39.65
N GLY C 14 23.37 -37.64 -40.31
CA GLY C 14 23.57 -37.73 -41.74
C GLY C 14 23.95 -36.38 -42.31
N ARG C 15 23.73 -36.22 -43.62
CA ARG C 15 24.16 -35.03 -44.34
C ARG C 15 23.06 -33.97 -44.40
N LEU C 16 23.48 -32.70 -44.51
CA LEU C 16 22.57 -31.56 -44.57
C LEU C 16 23.00 -30.59 -45.66
N ARG C 17 22.01 -29.88 -46.22
CA ARG C 17 22.20 -28.86 -47.24
C ARG C 17 21.55 -27.57 -46.76
N GLY C 18 22.30 -26.46 -46.73
CA GLY C 18 21.84 -25.21 -46.17
C GLY C 18 21.65 -24.11 -47.21
N ILE C 19 21.38 -22.90 -46.70
CA ILE C 19 21.17 -21.72 -47.54
C ILE C 19 22.08 -20.60 -47.07
N ARG C 20 22.70 -19.91 -48.04
CA ARG C 20 23.29 -18.61 -47.75
C ARG C 20 22.19 -17.56 -47.62
N LEU C 21 22.23 -16.76 -46.55
CA LEU C 21 21.23 -15.73 -46.30
C LEU C 21 21.87 -14.34 -46.35
N LYS C 22 21.09 -13.34 -46.75
CA LYS C 22 21.64 -12.01 -47.00
C LYS C 22 21.41 -11.07 -45.82
N THR C 23 22.40 -10.23 -45.56
CA THR C 23 22.40 -9.18 -44.55
C THR C 23 23.04 -7.95 -45.16
N PRO C 24 22.63 -6.75 -44.74
CA PRO C 24 23.39 -5.56 -45.15
C PRO C 24 24.88 -5.68 -44.88
N GLY C 25 25.27 -6.27 -43.74
CA GLY C 25 26.67 -6.44 -43.42
C GLY C 25 27.37 -7.52 -44.22
N GLY C 26 26.62 -8.43 -44.83
CA GLY C 26 27.19 -9.56 -45.53
C GLY C 26 26.55 -10.85 -45.08
N PRO C 27 26.86 -11.95 -45.76
CA PRO C 27 26.08 -13.17 -45.57
C PRO C 27 26.41 -13.95 -44.31
N VAL C 28 25.41 -14.69 -43.83
CA VAL C 28 25.61 -15.83 -42.94
C VAL C 28 25.07 -17.05 -43.67
N SER C 29 25.34 -18.24 -43.12
CA SER C 29 24.86 -19.46 -43.77
C SER C 29 24.09 -20.28 -42.74
N ALA C 30 22.87 -20.69 -43.13
CA ALA C 30 21.88 -21.23 -42.21
C ALA C 30 21.42 -22.62 -42.63
N PHE C 31 21.03 -23.40 -41.64
CA PHE C 31 20.52 -24.76 -41.81
C PHE C 31 19.18 -24.83 -41.09
N LEU C 32 18.11 -24.90 -41.85
CA LEU C 32 16.76 -24.70 -41.35
C LEU C 32 15.95 -25.97 -41.48
N GLY C 33 15.37 -26.43 -40.37
CA GLY C 33 14.49 -27.58 -40.40
C GLY C 33 15.23 -28.89 -40.26
N ILE C 34 16.17 -28.93 -39.34
CA ILE C 34 16.93 -30.16 -39.08
C ILE C 34 16.10 -31.07 -38.19
N PRO C 35 15.84 -32.30 -38.58
CA PRO C 35 15.09 -33.24 -37.73
C PRO C 35 15.90 -33.68 -36.52
N PHE C 36 15.43 -33.34 -35.32
CA PHE C 36 16.10 -33.79 -34.11
C PHE C 36 15.30 -34.83 -33.33
N ALA C 37 14.08 -35.14 -33.76
CA ALA C 37 13.27 -36.16 -33.09
C ALA C 37 12.50 -36.95 -34.12
N GLU C 38 12.19 -38.19 -33.76
CA GLU C 38 11.23 -38.96 -34.54
C GLU C 38 9.85 -38.32 -34.35
N PRO C 39 9.07 -38.17 -35.42
CA PRO C 39 7.83 -37.39 -35.36
C PRO C 39 6.90 -37.91 -34.27
N PRO C 40 6.47 -37.03 -33.38
CA PRO C 40 5.75 -37.44 -32.15
C PRO C 40 4.26 -37.60 -32.37
N MET C 41 3.89 -38.71 -33.00
CA MET C 41 2.53 -38.75 -33.48
C MET C 41 1.98 -40.16 -33.56
N GLY C 42 0.66 -40.23 -33.74
CA GLY C 42 -0.05 -41.47 -33.62
C GLY C 42 0.01 -41.94 -32.19
N PRO C 43 0.61 -43.12 -31.96
CA PRO C 43 0.78 -43.61 -30.60
C PRO C 43 1.76 -42.81 -29.79
N ARG C 44 2.58 -41.99 -30.44
CA ARG C 44 3.59 -41.21 -29.74
C ARG C 44 3.05 -39.87 -29.26
N ARG C 45 1.80 -39.54 -29.58
CA ARG C 45 1.17 -38.35 -29.04
C ARG C 45 1.11 -38.42 -27.51
N PHE C 46 1.63 -37.38 -26.86
CA PHE C 46 1.71 -37.13 -25.41
C PHE C 46 2.94 -37.79 -24.78
N LEU C 47 3.67 -38.64 -25.51
CA LEU C 47 4.81 -39.40 -25.03
C LEU C 47 6.07 -38.57 -25.14
N PRO C 48 7.11 -38.88 -24.38
CA PRO C 48 8.36 -38.11 -24.47
C PRO C 48 9.01 -38.30 -25.83
N PRO C 49 9.88 -37.37 -26.24
CA PRO C 49 10.41 -37.44 -27.61
C PRO C 49 11.46 -38.52 -27.76
N GLU C 50 11.45 -39.19 -28.96
CA GLU C 50 12.60 -40.05 -29.20
C GLU C 50 13.58 -39.40 -30.17
N PRO C 51 14.88 -39.68 -30.02
CA PRO C 51 15.88 -39.07 -30.91
C PRO C 51 15.75 -39.59 -32.33
N LYS C 52 15.93 -38.66 -33.29
CA LYS C 52 15.78 -38.97 -34.72
C LYS C 52 16.71 -40.10 -35.12
N GLN C 53 16.13 -41.14 -35.69
CA GLN C 53 16.92 -42.21 -36.28
C GLN C 53 17.73 -41.64 -37.45
N PRO C 54 18.93 -42.17 -37.71
CA PRO C 54 19.78 -41.60 -38.75
C PRO C 54 19.22 -41.85 -40.14
N TRP C 55 19.67 -41.03 -41.09
CA TRP C 55 19.09 -40.96 -42.42
C TRP C 55 20.17 -41.09 -43.50
N SER C 56 19.78 -41.69 -44.62
CA SER C 56 20.65 -41.70 -45.79
C SER C 56 20.29 -40.53 -46.70
N GLY C 57 21.19 -40.24 -47.64
CA GLY C 57 21.02 -39.07 -48.50
C GLY C 57 21.26 -37.78 -47.74
N VAL C 58 20.92 -36.66 -48.40
CA VAL C 58 21.05 -35.33 -47.83
C VAL C 58 19.67 -34.75 -47.52
N VAL C 59 19.51 -34.20 -46.32
CA VAL C 59 18.27 -33.59 -45.88
C VAL C 59 18.20 -32.16 -46.38
N ASP C 60 17.13 -31.83 -47.09
CA ASP C 60 16.88 -30.47 -47.51
C ASP C 60 16.71 -29.55 -46.31
N ALA C 61 17.79 -28.95 -45.80
CA ALA C 61 17.67 -28.06 -44.65
C ALA C 61 17.67 -26.59 -45.06
N THR C 62 16.84 -26.29 -46.06
CA THR C 62 16.85 -25.00 -46.74
C THR C 62 15.66 -24.11 -46.41
N THR C 63 14.51 -24.70 -46.10
CA THR C 63 13.39 -23.93 -45.63
C THR C 63 13.06 -24.35 -44.21
N PHE C 64 12.27 -23.51 -43.53
CA PHE C 64 11.72 -23.86 -42.22
C PHE C 64 10.73 -25.01 -42.33
N GLN C 65 10.69 -25.83 -41.30
CA GLN C 65 9.80 -26.97 -41.26
C GLN C 65 8.49 -26.57 -40.55
N SER C 66 7.54 -27.50 -40.46
CA SER C 66 6.17 -27.20 -40.04
C SER C 66 6.15 -26.61 -38.62
N VAL C 67 5.01 -26.00 -38.27
CA VAL C 67 4.79 -25.42 -36.94
C VAL C 67 3.98 -26.40 -36.08
N CYS C 68 4.38 -26.59 -34.82
CA CYS C 68 3.65 -27.50 -33.95
C CYS C 68 2.22 -27.03 -33.75
N TYR C 69 1.30 -27.99 -33.78
CA TYR C 69 -0.12 -27.70 -33.75
C TYR C 69 -0.50 -26.76 -32.61
N GLN C 70 -1.33 -25.76 -32.92
CA GLN C 70 -1.63 -24.76 -31.92
C GLN C 70 -2.88 -23.97 -32.28
N TYR C 71 -3.43 -23.30 -31.27
CA TYR C 71 -4.43 -22.25 -31.47
C TYR C 71 -3.86 -21.13 -32.32
N VAL C 72 -4.70 -20.57 -33.18
CA VAL C 72 -4.32 -19.50 -34.07
C VAL C 72 -5.17 -18.28 -33.73
N ASP C 73 -4.51 -17.15 -33.42
CA ASP C 73 -5.22 -15.98 -32.91
C ASP C 73 -6.14 -15.35 -33.96
N THR C 74 -7.41 -15.25 -33.62
CA THR C 74 -8.42 -14.68 -34.48
C THR C 74 -9.00 -13.38 -33.95
N LEU C 75 -8.50 -12.89 -32.81
CA LEU C 75 -9.05 -11.70 -32.17
C LEU C 75 -9.12 -10.52 -33.13
N TYR C 76 -7.97 -10.08 -33.65
CA TYR C 76 -7.89 -8.97 -34.59
C TYR C 76 -7.41 -9.48 -35.96
N PRO C 77 -8.31 -9.84 -36.88
CA PRO C 77 -7.87 -10.46 -38.14
C PRO C 77 -7.14 -9.49 -39.05
N GLY C 78 -5.99 -9.95 -39.55
CA GLY C 78 -5.15 -9.13 -40.41
C GLY C 78 -4.30 -8.12 -39.68
N PHE C 79 -4.59 -7.86 -38.41
CA PHE C 79 -3.81 -6.90 -37.65
C PHE C 79 -2.38 -7.40 -37.48
N GLU C 80 -1.41 -6.52 -37.76
CA GLU C 80 0.00 -6.91 -37.70
C GLU C 80 0.39 -7.35 -36.30
N GLY C 81 0.10 -6.53 -35.29
CA GLY C 81 0.55 -6.86 -33.94
C GLY C 81 0.01 -8.19 -33.45
N THR C 82 -1.19 -8.55 -33.91
CA THR C 82 -1.76 -9.85 -33.60
C THR C 82 -1.12 -10.95 -34.43
N GLU C 83 -1.01 -10.74 -35.75
CA GLU C 83 -0.57 -11.78 -36.65
C GLU C 83 0.93 -12.05 -36.62
N MET C 84 1.74 -11.10 -36.14
CA MET C 84 3.18 -11.36 -36.14
C MET C 84 3.55 -12.54 -35.25
N TRP C 85 2.63 -13.03 -34.41
CA TRP C 85 2.84 -14.18 -33.53
C TRP C 85 2.19 -15.45 -34.05
N ASN C 86 1.25 -15.34 -34.98
CA ASN C 86 0.56 -16.50 -35.53
C ASN C 86 1.50 -17.35 -36.41
N PRO C 87 1.23 -18.65 -36.53
CA PRO C 87 2.12 -19.52 -37.29
C PRO C 87 2.28 -19.02 -38.73
N ASN C 88 3.49 -19.23 -39.26
CA ASN C 88 3.81 -18.91 -40.66
C ASN C 88 4.27 -20.13 -41.44
N ARG C 89 3.88 -21.32 -41.01
CA ARG C 89 4.07 -22.55 -41.77
C ARG C 89 2.89 -23.44 -41.43
N GLU C 90 2.64 -24.44 -42.27
CA GLU C 90 1.52 -25.32 -42.01
C GLU C 90 1.66 -25.97 -40.63
N LEU C 91 0.51 -26.17 -39.98
CA LEU C 91 0.49 -26.87 -38.70
C LEU C 91 0.66 -28.37 -38.97
N SER C 92 1.46 -29.01 -38.11
CA SER C 92 1.57 -30.46 -38.09
C SER C 92 2.03 -30.89 -36.72
N GLU C 93 1.69 -32.12 -36.35
CA GLU C 93 2.31 -32.72 -35.18
C GLU C 93 3.74 -33.15 -35.48
N ASP C 94 4.05 -33.36 -36.76
CA ASP C 94 5.39 -33.61 -37.26
C ASP C 94 6.11 -32.28 -37.28
N CYS C 95 6.73 -31.93 -36.17
CA CYS C 95 7.24 -30.57 -36.00
C CYS C 95 8.52 -30.49 -35.18
N LEU C 96 9.16 -31.62 -34.85
CA LEU C 96 10.33 -31.56 -33.98
C LEU C 96 11.55 -31.37 -34.87
N TYR C 97 11.80 -30.11 -35.20
CA TYR C 97 12.88 -29.70 -36.09
C TYR C 97 13.54 -28.49 -35.46
N LEU C 98 14.85 -28.34 -35.67
CA LEU C 98 15.59 -27.18 -35.18
C LEU C 98 16.39 -26.55 -36.32
N ASN C 99 16.98 -25.39 -36.03
CA ASN C 99 17.70 -24.61 -37.03
C ASN C 99 18.99 -24.05 -36.45
N VAL C 100 19.99 -23.88 -37.33
CA VAL C 100 21.32 -23.40 -36.98
C VAL C 100 21.70 -22.26 -37.93
N TRP C 101 22.09 -21.11 -37.38
CA TRP C 101 22.75 -20.05 -38.13
C TRP C 101 24.21 -19.96 -37.68
N THR C 102 25.11 -19.79 -38.64
CA THR C 102 26.53 -19.71 -38.31
C THR C 102 27.19 -18.69 -39.24
N PRO C 103 28.21 -17.96 -38.77
CA PRO C 103 28.81 -16.89 -39.59
C PRO C 103 29.34 -17.44 -40.90
N TYR C 104 29.42 -16.57 -41.94
CA TYR C 104 29.58 -17.20 -43.24
C TYR C 104 30.93 -17.90 -43.30
N PRO C 105 32.09 -17.19 -43.35
CA PRO C 105 33.34 -17.95 -43.24
C PRO C 105 33.27 -18.57 -41.85
N ARG C 106 33.07 -19.89 -41.82
CA ARG C 106 32.77 -20.56 -40.55
C ARG C 106 33.88 -20.29 -39.55
N PRO C 107 33.55 -19.97 -38.31
CA PRO C 107 34.58 -19.65 -37.32
C PRO C 107 35.66 -20.72 -37.26
N THR C 108 36.91 -20.28 -37.33
CA THR C 108 38.01 -21.24 -37.34
C THR C 108 38.24 -21.82 -35.95
N SER C 109 37.84 -21.10 -34.92
CA SER C 109 37.96 -21.46 -33.51
C SER C 109 36.57 -21.65 -32.91
N PRO C 110 36.46 -22.37 -31.78
CA PRO C 110 35.12 -22.67 -31.24
C PRO C 110 34.45 -21.40 -30.74
N THR C 111 33.26 -21.14 -31.25
CA THR C 111 32.68 -19.89 -30.81
C THR C 111 31.38 -20.14 -30.03
N PRO C 112 31.06 -19.27 -29.07
CA PRO C 112 29.93 -19.54 -28.17
C PRO C 112 28.59 -19.59 -28.90
N VAL C 113 27.65 -20.30 -28.29
CA VAL C 113 26.39 -20.68 -28.94
C VAL C 113 25.23 -20.08 -28.16
N LEU C 114 24.36 -19.35 -28.85
CA LEU C 114 23.14 -18.82 -28.29
C LEU C 114 22.00 -19.71 -28.73
N VAL C 115 21.17 -20.14 -27.78
CA VAL C 115 20.05 -21.03 -28.06
C VAL C 115 18.79 -20.30 -27.68
N TRP C 116 17.92 -20.07 -28.66
CA TRP C 116 16.66 -19.36 -28.45
C TRP C 116 15.52 -20.34 -28.16
N ILE C 117 14.69 -20.02 -27.15
CA ILE C 117 13.47 -20.76 -26.86
C ILE C 117 12.30 -19.78 -26.91
N TYR C 118 11.39 -19.97 -27.87
CA TYR C 118 10.33 -19.00 -28.09
C TYR C 118 9.26 -19.09 -27.00
N GLY C 119 8.51 -18.01 -26.86
CA GLY C 119 7.40 -17.98 -25.94
C GLY C 119 6.03 -17.97 -26.58
N GLY C 120 5.07 -17.41 -25.86
CA GLY C 120 3.67 -17.58 -26.21
C GLY C 120 2.95 -18.53 -25.29
N GLY C 121 3.14 -18.36 -23.96
CA GLY C 121 2.37 -19.04 -22.92
C GLY C 121 2.16 -20.54 -23.04
N PHE C 122 3.14 -21.24 -23.62
CA PHE C 122 3.13 -22.69 -23.77
C PHE C 122 1.96 -23.23 -24.59
N TYR C 123 1.20 -22.39 -25.31
CA TYR C 123 0.13 -22.86 -26.20
C TYR C 123 0.35 -22.46 -27.65
N SER C 124 1.45 -21.79 -27.96
CA SER C 124 1.67 -21.20 -29.28
C SER C 124 3.15 -20.85 -29.42
N GLY C 125 3.50 -20.40 -30.62
CA GLY C 125 4.86 -20.05 -30.94
C GLY C 125 5.51 -21.04 -31.90
N ALA C 126 6.52 -20.56 -32.61
CA ALA C 126 7.28 -21.34 -33.57
C ALA C 126 8.61 -20.63 -33.80
N SER C 127 9.65 -21.42 -34.08
CA SER C 127 11.01 -20.90 -34.29
C SER C 127 11.17 -20.18 -35.61
N SER C 128 10.17 -20.24 -36.49
CA SER C 128 10.22 -19.70 -37.84
C SER C 128 9.52 -18.35 -38.01
N LEU C 129 9.07 -17.74 -36.92
CA LEU C 129 8.54 -16.37 -36.99
C LEU C 129 9.65 -15.40 -37.42
N ASP C 130 9.22 -14.34 -38.13
CA ASP C 130 10.16 -13.36 -38.64
C ASP C 130 10.92 -12.62 -37.52
N VAL C 131 10.27 -12.40 -36.38
CA VAL C 131 10.96 -11.68 -35.32
C VAL C 131 12.16 -12.47 -34.80
N TYR C 132 12.12 -13.80 -34.93
CA TYR C 132 13.15 -14.67 -34.36
C TYR C 132 14.27 -14.99 -35.34
N ASP C 133 14.41 -14.20 -36.40
CA ASP C 133 15.36 -14.48 -37.46
C ASP C 133 16.79 -14.26 -36.99
N GLY C 134 17.65 -15.25 -37.16
CA GLY C 134 18.97 -15.18 -36.58
C GLY C 134 20.06 -14.54 -37.42
N ARG C 135 19.81 -14.23 -38.70
CA ARG C 135 20.89 -13.81 -39.58
C ARG C 135 21.61 -12.57 -39.06
N PHE C 136 20.88 -11.61 -38.47
CA PHE C 136 21.50 -10.33 -38.10
C PHE C 136 22.36 -10.47 -36.86
N LEU C 137 21.89 -11.24 -35.90
CA LEU C 137 22.66 -11.49 -34.69
C LEU C 137 23.93 -12.28 -35.00
N VAL C 138 23.84 -13.22 -35.94
CA VAL C 138 24.99 -14.05 -36.25
C VAL C 138 25.98 -13.28 -37.14
N GLN C 139 25.50 -12.37 -37.98
CA GLN C 139 26.41 -11.60 -38.83
C GLN C 139 27.10 -10.48 -38.06
N ALA C 140 26.34 -9.78 -37.21
CA ALA C 140 26.86 -8.61 -36.53
C ALA C 140 27.75 -8.97 -35.35
N GLU C 141 27.63 -10.21 -34.86
CA GLU C 141 28.28 -10.63 -33.62
C GLU C 141 29.05 -11.94 -33.71
N ARG C 142 28.95 -12.68 -34.81
CA ARG C 142 29.71 -13.90 -35.07
C ARG C 142 29.65 -14.88 -33.90
N THR C 143 28.43 -15.13 -33.42
CA THR C 143 28.11 -16.25 -32.56
C THR C 143 27.37 -17.29 -33.39
N VAL C 144 27.22 -18.49 -32.84
CA VAL C 144 26.36 -19.52 -33.44
C VAL C 144 25.00 -19.45 -32.77
N LEU C 145 23.94 -19.39 -33.57
CA LEU C 145 22.59 -19.32 -33.02
C LEU C 145 21.83 -20.60 -33.38
N VAL C 146 21.20 -21.20 -32.38
CA VAL C 146 20.30 -22.33 -32.55
C VAL C 146 18.95 -21.96 -31.99
N SER C 147 17.88 -22.35 -32.69
CA SER C 147 16.51 -22.30 -32.17
C SER C 147 15.81 -23.59 -32.52
N MET C 148 14.95 -24.08 -31.62
CA MET C 148 14.19 -25.31 -31.87
C MET C 148 12.68 -25.08 -31.72
N ASN C 149 11.92 -25.97 -32.35
CA ASN C 149 10.49 -26.07 -32.09
C ASN C 149 10.23 -27.10 -31.01
N TYR C 150 9.23 -26.83 -30.17
CA TYR C 150 8.80 -27.78 -29.15
C TYR C 150 7.28 -27.84 -29.11
N ARG C 151 6.75 -29.01 -28.75
CA ARG C 151 5.31 -29.22 -28.69
C ARG C 151 4.64 -28.29 -27.67
N VAL C 152 3.56 -27.63 -28.09
CA VAL C 152 2.81 -26.71 -27.24
C VAL C 152 1.38 -27.23 -27.08
N GLY C 153 0.64 -26.59 -26.17
CA GLY C 153 -0.72 -26.95 -25.79
C GLY C 153 -0.80 -28.34 -25.21
N ALA C 154 -1.97 -28.96 -25.35
CA ALA C 154 -2.13 -30.35 -24.91
C ALA C 154 -1.07 -31.27 -25.52
N PHE C 155 -0.57 -30.96 -26.70
CA PHE C 155 0.36 -31.86 -27.35
C PHE C 155 1.70 -31.95 -26.62
N GLY C 156 2.05 -30.92 -25.87
CA GLY C 156 3.29 -30.92 -25.16
C GLY C 156 3.12 -30.86 -23.66
N PHE C 157 1.87 -30.72 -23.15
CA PHE C 157 1.74 -30.54 -21.71
C PHE C 157 0.51 -31.14 -21.05
N LEU C 158 -0.39 -31.79 -21.78
CA LEU C 158 -1.42 -32.58 -21.09
C LEU C 158 -0.72 -33.63 -20.23
N ALA C 159 -1.14 -33.74 -18.98
CA ALA C 159 -0.48 -34.67 -18.07
C ALA C 159 -1.53 -35.40 -17.27
N LEU C 160 -1.37 -36.72 -17.16
CA LEU C 160 -2.07 -37.54 -16.19
C LEU C 160 -0.99 -38.09 -15.29
N PRO C 161 -0.60 -37.35 -14.24
CA PRO C 161 0.62 -37.72 -13.50
C PRO C 161 0.50 -39.12 -12.93
N GLY C 162 1.50 -39.94 -13.24
CA GLY C 162 1.54 -41.32 -12.81
C GLY C 162 1.42 -42.33 -13.92
N SER C 163 0.92 -41.93 -15.08
CA SER C 163 0.70 -42.86 -16.19
C SER C 163 1.90 -42.84 -17.12
N ARG C 164 2.24 -44.03 -17.63
CA ARG C 164 3.27 -44.12 -18.67
C ARG C 164 2.83 -43.47 -19.98
N GLU C 165 1.59 -42.96 -20.03
CA GLU C 165 0.92 -42.55 -21.26
C GLU C 165 0.82 -41.06 -21.46
N ALA C 166 0.75 -40.28 -20.39
CA ALA C 166 0.86 -38.82 -20.47
C ALA C 166 1.62 -38.32 -19.25
N PRO C 167 2.92 -38.62 -19.17
CA PRO C 167 3.70 -38.20 -18.00
C PRO C 167 3.81 -36.70 -17.85
N GLY C 168 3.60 -35.95 -18.92
CA GLY C 168 3.62 -34.51 -18.81
C GLY C 168 5.00 -33.94 -19.08
N ASN C 169 5.05 -32.62 -19.22
CA ASN C 169 6.27 -31.90 -19.54
C ASN C 169 6.95 -32.39 -20.83
N VAL C 170 6.27 -33.11 -21.73
CA VAL C 170 7.02 -33.63 -22.86
C VAL C 170 7.47 -32.50 -23.79
N GLY C 171 6.86 -31.32 -23.71
CA GLY C 171 7.37 -30.20 -24.50
C GLY C 171 8.69 -29.70 -23.97
N LEU C 172 8.91 -29.80 -22.66
CA LEU C 172 10.23 -29.49 -22.09
C LEU C 172 11.23 -30.57 -22.47
N LEU C 173 10.83 -31.83 -22.39
CA LEU C 173 11.69 -32.90 -22.86
C LEU C 173 12.08 -32.71 -24.31
N ASP C 174 11.19 -32.13 -25.14
CA ASP C 174 11.54 -31.75 -26.50
C ASP C 174 12.70 -30.76 -26.52
N GLN C 175 12.59 -29.68 -25.73
CA GLN C 175 13.68 -28.72 -25.64
C GLN C 175 14.97 -29.39 -25.18
N ARG C 176 14.90 -30.21 -24.13
CA ARG C 176 16.09 -30.88 -23.63
C ARG C 176 16.71 -31.76 -24.72
N LEU C 177 15.90 -32.53 -25.45
CA LEU C 177 16.43 -33.31 -26.56
C LEU C 177 17.17 -32.42 -27.55
N ALA C 178 16.65 -31.23 -27.82
CA ALA C 178 17.34 -30.32 -28.74
C ALA C 178 18.68 -29.86 -28.16
N LEU C 179 18.71 -29.51 -26.86
CA LEU C 179 19.97 -29.10 -26.25
C LEU C 179 20.99 -30.22 -26.32
N GLN C 180 20.55 -31.45 -26.07
CA GLN C 180 21.44 -32.60 -26.29
C GLN C 180 21.96 -32.62 -27.71
N TRP C 181 21.10 -32.30 -28.68
CA TRP C 181 21.52 -32.26 -30.06
C TRP C 181 22.66 -31.26 -30.26
N VAL C 182 22.59 -30.10 -29.61
CA VAL C 182 23.65 -29.12 -29.85
C VAL C 182 24.93 -29.54 -29.14
N GLN C 183 24.82 -30.27 -28.02
CA GLN C 183 26.01 -30.83 -27.39
C GLN C 183 26.73 -31.78 -28.34
N GLU C 184 25.99 -32.49 -29.14
CA GLU C 184 26.58 -33.48 -30.01
C GLU C 184 27.04 -32.88 -31.33
N ASN C 185 26.46 -31.78 -31.78
CA ASN C 185 26.62 -31.40 -33.17
C ASN C 185 27.01 -29.94 -33.42
N VAL C 186 26.84 -29.04 -32.45
CA VAL C 186 27.18 -27.65 -32.74
C VAL C 186 28.66 -27.50 -33.10
N ALA C 187 29.51 -28.46 -32.73
CA ALA C 187 30.91 -28.38 -33.17
C ALA C 187 31.01 -28.46 -34.69
N ALA C 188 30.09 -29.17 -35.35
CA ALA C 188 30.12 -29.27 -36.80
C ALA C 188 29.89 -27.92 -37.48
N PHE C 189 29.45 -26.90 -36.75
CA PHE C 189 29.17 -25.60 -37.33
C PHE C 189 30.11 -24.52 -36.82
N GLY C 190 31.16 -24.87 -36.07
CA GLY C 190 32.03 -23.87 -35.46
C GLY C 190 31.67 -23.51 -34.04
N GLY C 191 30.66 -24.17 -33.46
CA GLY C 191 30.20 -23.83 -32.12
C GLY C 191 30.97 -24.57 -31.03
N ASP C 192 30.95 -23.99 -29.84
CA ASP C 192 31.66 -24.55 -28.70
C ASP C 192 30.66 -25.20 -27.75
N PRO C 193 30.63 -26.53 -27.64
CA PRO C 193 29.65 -27.18 -26.76
C PRO C 193 29.85 -26.86 -25.29
N THR C 194 30.99 -26.29 -24.91
CA THR C 194 31.25 -25.89 -23.54
C THR C 194 30.94 -24.41 -23.28
N SER C 195 30.21 -23.75 -24.18
CA SER C 195 29.87 -22.34 -23.98
C SER C 195 28.49 -21.97 -24.52
N VAL C 196 27.44 -22.66 -24.06
CA VAL C 196 26.10 -22.49 -24.58
C VAL C 196 25.32 -21.59 -23.64
N THR C 197 24.68 -20.54 -24.19
CA THR C 197 23.83 -19.63 -23.43
C THR C 197 22.39 -19.76 -23.90
N LEU C 198 21.49 -20.18 -23.01
CA LEU C 198 20.07 -20.18 -23.33
C LEU C 198 19.50 -18.77 -23.22
N PHE C 199 18.63 -18.39 -24.17
CA PHE C 199 17.78 -17.21 -23.96
C PHE C 199 16.38 -17.44 -24.51
N GLY C 200 15.41 -16.71 -23.94
CA GLY C 200 14.01 -16.88 -24.27
C GLY C 200 13.17 -15.80 -23.65
N GLU C 201 11.92 -15.69 -24.13
CA GLU C 201 11.01 -14.62 -23.74
C GLU C 201 9.68 -15.25 -23.37
N SER C 202 8.97 -14.60 -22.44
CA SER C 202 7.68 -15.09 -21.93
C SER C 202 7.83 -16.53 -21.47
N ALA C 203 7.06 -17.43 -22.07
CA ALA C 203 7.16 -18.83 -21.68
C ALA C 203 8.54 -19.41 -22.00
N GLY C 204 9.25 -18.84 -22.98
CA GLY C 204 10.62 -19.26 -23.21
C GLY C 204 11.53 -18.88 -22.05
N ALA C 205 11.33 -17.70 -21.48
CA ALA C 205 12.05 -17.36 -20.28
C ALA C 205 11.69 -18.32 -19.15
N ALA C 206 10.41 -18.64 -19.01
CA ALA C 206 9.99 -19.64 -18.02
C ALA C 206 10.69 -20.98 -18.27
N SER C 207 10.80 -21.39 -19.54
CA SER C 207 11.47 -22.65 -19.87
C SER C 207 12.94 -22.61 -19.46
N VAL C 208 13.67 -21.57 -19.87
CA VAL C 208 15.06 -21.44 -19.47
C VAL C 208 15.18 -21.60 -17.97
N GLY C 209 14.33 -20.87 -17.23
CA GLY C 209 14.32 -21.00 -15.78
C GLY C 209 14.17 -22.43 -15.32
N MET C 210 13.25 -23.19 -15.92
CA MET C 210 13.08 -24.57 -15.51
C MET C 210 14.31 -25.41 -15.84
N HIS C 211 15.04 -25.09 -16.90
CA HIS C 211 16.23 -25.86 -17.18
C HIS C 211 17.31 -25.59 -16.14
N LEU C 212 17.34 -24.37 -15.57
CA LEU C 212 18.20 -24.11 -14.43
C LEU C 212 17.89 -24.97 -13.22
N LEU C 213 16.66 -25.48 -13.13
CA LEU C 213 16.16 -26.16 -11.94
C LEU C 213 15.96 -27.65 -12.14
N SER C 214 16.31 -28.16 -13.31
CA SER C 214 16.21 -29.59 -13.57
C SER C 214 17.61 -30.12 -13.80
N PRO C 215 18.14 -30.91 -12.86
CA PRO C 215 19.54 -31.32 -12.92
C PRO C 215 19.95 -31.88 -14.27
N PRO C 216 19.13 -32.72 -14.94
CA PRO C 216 19.58 -33.27 -16.23
C PRO C 216 19.77 -32.24 -17.32
N SER C 217 19.29 -31.01 -17.17
CA SER C 217 19.57 -29.98 -18.16
C SER C 217 20.78 -29.14 -17.82
N ARG C 218 21.27 -29.20 -16.58
CA ARG C 218 22.34 -28.30 -16.20
C ARG C 218 23.66 -28.65 -16.86
N GLY C 219 23.81 -29.87 -17.36
CA GLY C 219 25.02 -30.17 -18.08
C GLY C 219 25.05 -29.70 -19.53
N LEU C 220 23.98 -29.05 -20.00
CA LEU C 220 23.82 -28.74 -21.41
C LEU C 220 23.88 -27.26 -21.72
N PHE C 221 24.19 -26.42 -20.74
CA PHE C 221 24.40 -24.99 -20.99
C PHE C 221 25.14 -24.43 -19.79
N HIS C 222 25.53 -23.17 -19.89
CA HIS C 222 26.39 -22.53 -18.91
C HIS C 222 25.90 -21.17 -18.46
N ARG C 223 25.05 -20.51 -19.23
CA ARG C 223 24.52 -19.20 -18.88
C ARG C 223 23.08 -19.17 -19.34
N ALA C 224 22.36 -18.14 -18.89
CA ALA C 224 20.92 -18.08 -19.04
C ALA C 224 20.52 -16.62 -19.10
N VAL C 225 19.75 -16.24 -20.12
CA VAL C 225 19.05 -14.95 -20.09
C VAL C 225 17.55 -15.23 -20.16
N LEU C 226 16.80 -14.55 -19.27
CA LEU C 226 15.36 -14.70 -19.11
C LEU C 226 14.73 -13.33 -19.34
N GLN C 227 13.98 -13.19 -20.45
CA GLN C 227 13.35 -11.92 -20.85
C GLN C 227 11.85 -11.99 -20.57
N SER C 228 11.38 -11.19 -19.60
CA SER C 228 9.95 -11.05 -19.28
C SER C 228 9.31 -12.41 -18.99
N GLY C 229 9.95 -13.20 -18.15
CA GLY C 229 9.34 -14.45 -17.73
C GLY C 229 10.22 -15.10 -16.68
N ALA C 230 9.64 -16.07 -15.97
CA ALA C 230 10.33 -16.74 -14.87
C ALA C 230 9.59 -18.03 -14.54
N PRO C 231 10.29 -19.06 -14.07
CA PRO C 231 9.59 -20.33 -13.80
C PRO C 231 8.69 -20.23 -12.59
N ASN C 232 9.00 -19.34 -11.67
CA ASN C 232 8.29 -19.27 -10.41
C ASN C 232 7.01 -18.44 -10.47
N GLY C 233 6.68 -17.83 -11.60
CA GLY C 233 5.47 -17.04 -11.67
C GLY C 233 4.22 -17.88 -11.44
N PRO C 234 3.05 -17.22 -11.40
CA PRO C 234 1.80 -17.94 -11.06
C PRO C 234 1.18 -18.71 -12.20
N TRP C 235 1.66 -18.54 -13.43
CA TRP C 235 1.02 -19.11 -14.61
C TRP C 235 1.82 -20.21 -15.29
N ALA C 236 3.09 -20.44 -14.91
CA ALA C 236 3.96 -21.35 -15.65
C ALA C 236 3.98 -22.75 -15.07
N THR C 237 3.22 -23.01 -14.01
CA THR C 237 3.22 -24.34 -13.40
C THR C 237 1.82 -24.65 -12.88
N VAL C 238 1.54 -25.95 -12.74
CA VAL C 238 0.33 -26.45 -12.10
C VAL C 238 0.68 -27.70 -11.29
N GLY C 239 -0.16 -27.99 -10.30
CA GLY C 239 0.09 -29.17 -9.50
C GLY C 239 -0.45 -30.42 -10.16
N MET C 240 0.04 -31.56 -9.70
CA MET C 240 -0.42 -32.82 -10.30
C MET C 240 -1.93 -32.97 -10.23
N GLY C 241 -2.55 -32.45 -9.17
CA GLY C 241 -3.99 -32.59 -9.06
C GLY C 241 -4.73 -31.71 -10.04
N GLU C 242 -4.25 -30.49 -10.24
CA GLU C 242 -4.85 -29.62 -11.24
C GLU C 242 -4.64 -30.17 -12.64
N ALA C 243 -3.47 -30.75 -12.90
CA ALA C 243 -3.21 -31.29 -14.24
C ALA C 243 -4.19 -32.41 -14.59
N ARG C 244 -4.49 -33.30 -13.64
CA ARG C 244 -5.50 -34.33 -13.92
C ARG C 244 -6.87 -33.71 -14.17
N ARG C 245 -7.23 -32.77 -13.30
CA ARG C 245 -8.49 -32.05 -13.43
C ARG C 245 -8.63 -31.46 -14.83
N ARG C 246 -7.59 -30.79 -15.32
CA ARG C 246 -7.68 -30.17 -16.64
C ARG C 246 -7.58 -31.20 -17.76
N ALA C 247 -6.77 -32.24 -17.57
CA ALA C 247 -6.70 -33.30 -18.57
C ALA C 247 -8.02 -34.04 -18.68
N THR C 248 -8.56 -34.49 -17.54
CA THR C 248 -9.77 -35.30 -17.62
C THR C 248 -10.97 -34.49 -18.11
N GLN C 249 -10.93 -33.16 -18.00
CA GLN C 249 -12.05 -32.36 -18.50
C GLN C 249 -12.03 -32.26 -20.02
N LEU C 250 -10.85 -31.97 -20.60
CA LEU C 250 -10.69 -32.02 -22.05
C LEU C 250 -11.22 -33.33 -22.61
N ALA C 251 -10.77 -34.45 -22.04
CA ALA C 251 -11.23 -35.76 -22.48
C ALA C 251 -12.76 -35.88 -22.42
N HIS C 252 -13.37 -35.35 -21.36
CA HIS C 252 -14.83 -35.39 -21.28
C HIS C 252 -15.45 -34.42 -22.29
N LEU C 253 -14.84 -33.25 -22.50
CA LEU C 253 -15.37 -32.24 -23.41
C LEU C 253 -15.30 -32.71 -24.86
N VAL C 254 -14.83 -33.92 -25.08
CA VAL C 254 -14.37 -34.37 -26.39
C VAL C 254 -14.89 -35.79 -26.65
N GLY C 255 -15.70 -36.29 -25.71
CA GLY C 255 -16.35 -37.58 -25.89
C GLY C 255 -15.60 -38.77 -25.35
N CYS C 256 -14.49 -38.56 -24.71
CA CYS C 256 -13.73 -39.68 -24.20
C CYS C 256 -14.30 -40.15 -22.86
N PRO C 257 -14.19 -41.46 -22.54
CA PRO C 257 -15.26 -42.17 -21.84
C PRO C 257 -16.65 -41.62 -22.13
N ASN D 4 -8.13 -47.56 -16.52
CA ASN D 4 -8.93 -46.38 -16.85
C ASN D 4 -8.05 -45.21 -17.26
N ASP D 5 -6.84 -45.14 -16.71
CA ASP D 5 -5.94 -44.05 -17.08
C ASP D 5 -5.41 -44.24 -18.50
N THR D 6 -4.91 -45.45 -18.80
CA THR D 6 -4.47 -45.73 -20.15
C THR D 6 -5.66 -45.81 -21.11
N GLU D 7 -6.80 -46.31 -20.61
CA GLU D 7 -8.04 -46.30 -21.38
C GLU D 7 -8.41 -44.88 -21.85
N LEU D 8 -8.06 -43.88 -21.04
CA LEU D 8 -8.46 -42.51 -21.32
C LEU D 8 -7.61 -41.88 -22.43
N VAL D 9 -6.28 -41.92 -22.29
CA VAL D 9 -5.40 -41.26 -23.25
C VAL D 9 -5.56 -41.87 -24.64
N ALA D 10 -5.76 -43.18 -24.70
CA ALA D 10 -5.95 -43.85 -25.98
C ALA D 10 -7.07 -43.19 -26.78
N CYS D 11 -8.16 -42.80 -26.11
CA CYS D 11 -9.24 -42.14 -26.80
C CYS D 11 -8.84 -40.75 -27.28
N LEU D 12 -8.09 -40.01 -26.47
CA LEU D 12 -7.60 -38.71 -26.92
C LEU D 12 -6.68 -38.84 -28.13
N ARG D 13 -5.93 -39.94 -28.24
CA ARG D 13 -5.01 -40.08 -29.37
C ARG D 13 -5.74 -40.38 -30.67
N THR D 14 -6.99 -40.78 -30.60
CA THR D 14 -7.81 -40.94 -31.80
C THR D 14 -8.55 -39.67 -32.19
N ARG D 15 -8.57 -38.68 -31.35
CA ARG D 15 -9.24 -37.44 -31.73
C ARG D 15 -8.33 -36.64 -32.67
N PRO D 16 -8.88 -36.04 -33.73
CA PRO D 16 -8.07 -35.18 -34.61
C PRO D 16 -7.49 -34.00 -33.84
N ALA D 17 -6.35 -33.49 -34.31
CA ALA D 17 -5.65 -32.50 -33.50
C ALA D 17 -6.45 -31.22 -33.35
N GLN D 18 -7.21 -30.83 -34.36
CA GLN D 18 -7.86 -29.52 -34.26
C GLN D 18 -8.96 -29.51 -33.21
N VAL D 19 -9.68 -30.62 -32.98
CA VAL D 19 -10.73 -30.57 -31.97
C VAL D 19 -10.13 -30.40 -30.58
N LEU D 20 -8.97 -31.01 -30.31
CA LEU D 20 -8.31 -30.75 -29.02
C LEU D 20 -8.01 -29.28 -28.88
N VAL D 21 -7.57 -28.64 -29.98
CA VAL D 21 -7.24 -27.23 -29.90
C VAL D 21 -8.51 -26.41 -29.67
N ASN D 22 -9.65 -26.87 -30.21
CA ASN D 22 -10.90 -26.12 -30.10
C ASN D 22 -11.34 -25.98 -28.66
N HIS D 23 -11.38 -27.08 -27.94
CA HIS D 23 -11.84 -27.05 -26.58
C HIS D 23 -10.77 -26.70 -25.57
N GLU D 24 -9.58 -26.31 -26.02
CA GLU D 24 -8.43 -26.23 -25.10
C GLU D 24 -8.68 -25.23 -23.97
N TRP D 25 -9.15 -24.01 -24.29
CA TRP D 25 -9.32 -22.95 -23.29
C TRP D 25 -10.50 -23.20 -22.35
N HIS D 26 -11.33 -24.21 -22.65
CA HIS D 26 -12.51 -24.46 -21.84
C HIS D 26 -12.15 -25.08 -20.50
N VAL D 27 -10.99 -25.76 -20.41
CA VAL D 27 -10.65 -26.53 -19.22
C VAL D 27 -10.05 -25.60 -18.18
N LEU D 28 -10.01 -24.30 -18.45
CA LEU D 28 -9.44 -23.41 -17.47
C LEU D 28 -10.37 -23.32 -16.25
N PRO D 29 -9.81 -23.31 -15.05
CA PRO D 29 -10.63 -23.20 -13.85
C PRO D 29 -10.81 -21.74 -13.51
N GLN D 30 -12.05 -21.27 -13.66
CA GLN D 30 -12.41 -19.86 -13.45
C GLN D 30 -11.89 -19.01 -14.61
N GLU D 31 -12.77 -18.12 -15.12
CA GLU D 31 -12.42 -17.20 -16.19
C GLU D 31 -11.28 -16.29 -15.79
N SER D 32 -10.37 -16.03 -16.73
CA SER D 32 -9.07 -15.46 -16.35
C SER D 32 -8.42 -14.74 -17.52
N VAL D 33 -7.30 -14.09 -17.22
CA VAL D 33 -6.39 -13.51 -18.19
C VAL D 33 -4.97 -13.85 -17.74
N PHE D 34 -4.04 -13.93 -18.69
CA PHE D 34 -2.67 -14.42 -18.46
C PHE D 34 -2.70 -15.79 -17.76
N ARG D 35 -3.52 -16.69 -18.27
CA ARG D 35 -3.56 -18.05 -17.77
C ARG D 35 -3.78 -18.99 -18.94
N PHE D 36 -3.06 -20.12 -18.95
CA PHE D 36 -3.06 -21.02 -20.08
C PHE D 36 -3.26 -22.44 -19.59
N SER D 37 -4.05 -23.21 -20.34
CA SER D 37 -4.58 -24.49 -19.84
C SER D 37 -3.49 -25.50 -19.53
N PHE D 38 -2.51 -25.64 -20.43
CA PHE D 38 -1.57 -26.77 -20.41
C PHE D 38 -0.14 -26.25 -20.33
N VAL D 39 0.43 -26.36 -19.14
CA VAL D 39 1.71 -25.78 -18.78
C VAL D 39 2.53 -26.88 -18.13
N PRO D 40 3.81 -26.64 -17.82
CA PRO D 40 4.58 -27.65 -17.07
C PRO D 40 3.91 -28.01 -15.76
N VAL D 41 3.85 -29.33 -15.49
CA VAL D 41 3.32 -29.84 -14.22
C VAL D 41 4.47 -30.14 -13.27
N VAL D 42 4.30 -29.81 -12.00
CA VAL D 42 5.22 -30.24 -10.96
C VAL D 42 5.01 -31.72 -10.67
N ASP D 43 5.73 -32.60 -11.39
CA ASP D 43 5.49 -34.04 -11.31
C ASP D 43 6.41 -34.77 -10.37
N GLY D 44 7.51 -34.17 -9.92
CA GLY D 44 8.54 -34.91 -9.23
C GLY D 44 9.59 -35.54 -10.13
N ASP D 45 9.35 -35.60 -11.44
CA ASP D 45 10.38 -35.96 -12.41
C ASP D 45 11.11 -34.70 -12.87
N PHE D 46 10.62 -34.06 -13.92
CA PHE D 46 11.33 -32.91 -14.49
C PHE D 46 11.49 -31.80 -13.46
N LEU D 47 10.46 -31.54 -12.66
CA LEU D 47 10.50 -30.55 -11.60
C LEU D 47 10.37 -31.30 -10.27
N SER D 48 11.44 -31.25 -9.47
CA SER D 48 11.48 -32.04 -8.24
C SER D 48 10.43 -31.54 -7.24
N ASP D 49 10.15 -30.26 -7.28
CA ASP D 49 9.33 -29.55 -6.32
C ASP D 49 8.89 -28.29 -7.04
N THR D 50 8.03 -27.50 -6.40
CA THR D 50 7.60 -26.25 -7.04
C THR D 50 8.81 -25.38 -7.36
N PRO D 51 8.73 -24.54 -8.40
CA PRO D 51 9.90 -23.73 -8.72
C PRO D 51 10.30 -22.83 -7.58
N GLU D 52 9.34 -22.36 -6.79
CA GLU D 52 9.70 -21.47 -5.72
C GLU D 52 10.55 -22.18 -4.66
N ALA D 53 10.31 -23.48 -4.45
CA ALA D 53 11.16 -24.26 -3.57
C ALA D 53 12.54 -24.48 -4.19
N LEU D 54 12.56 -24.98 -5.42
CA LEU D 54 13.84 -25.21 -6.09
C LEU D 54 14.70 -23.95 -6.13
N ILE D 55 14.08 -22.76 -6.13
CA ILE D 55 14.80 -21.50 -6.32
C ILE D 55 15.63 -21.12 -5.11
N ASN D 56 15.20 -21.44 -3.89
CA ASN D 56 16.02 -20.94 -2.79
C ASN D 56 16.84 -22.00 -2.10
N ALA D 57 16.85 -23.23 -2.59
CA ALA D 57 17.81 -24.24 -2.18
C ALA D 57 18.39 -24.85 -3.46
N GLY D 58 19.14 -24.04 -4.20
CA GLY D 58 19.59 -24.43 -5.52
C GLY D 58 21.11 -24.40 -5.62
N ASP D 59 21.57 -24.72 -6.82
CA ASP D 59 23.00 -24.82 -7.14
C ASP D 59 23.28 -23.71 -8.14
N PHE D 60 23.47 -22.50 -7.65
CA PHE D 60 23.54 -21.36 -8.53
C PHE D 60 24.87 -20.62 -8.53
N HIS D 61 25.74 -20.89 -7.55
CA HIS D 61 27.04 -20.27 -7.54
C HIS D 61 27.78 -20.60 -8.83
N GLY D 62 28.42 -19.59 -9.42
CA GLY D 62 29.15 -19.82 -10.65
C GLY D 62 28.34 -19.70 -11.91
N LEU D 63 27.10 -19.24 -11.80
CA LEU D 63 26.17 -19.15 -12.92
C LEU D 63 25.97 -17.69 -13.25
N GLN D 64 25.99 -17.36 -14.52
CA GLN D 64 25.71 -16.00 -14.93
C GLN D 64 24.32 -15.94 -15.56
N VAL D 65 23.53 -14.98 -15.12
CA VAL D 65 22.12 -14.87 -15.51
C VAL D 65 21.83 -13.43 -15.92
N LEU D 66 21.08 -13.26 -16.99
CA LEU D 66 20.66 -11.95 -17.47
C LEU D 66 19.14 -11.92 -17.48
N VAL D 67 18.54 -10.99 -16.73
CA VAL D 67 17.08 -11.00 -16.58
C VAL D 67 16.53 -9.60 -16.79
N GLY D 68 15.29 -9.52 -17.29
CA GLY D 68 14.71 -8.20 -17.52
C GLY D 68 13.23 -8.21 -17.85
N VAL D 69 12.65 -7.01 -17.83
CA VAL D 69 11.26 -6.79 -18.13
C VAL D 69 11.09 -5.64 -19.11
N VAL D 70 9.94 -5.59 -19.76
CA VAL D 70 9.59 -4.43 -20.57
C VAL D 70 8.81 -3.45 -19.71
N LYS D 71 8.68 -2.22 -20.18
CA LYS D 71 8.15 -1.16 -19.34
C LYS D 71 6.67 -1.35 -19.01
N ASP D 72 5.90 -1.95 -19.91
CA ASP D 72 4.44 -2.09 -19.74
C ASP D 72 4.05 -3.55 -19.96
N GLU D 73 4.47 -4.42 -19.03
CA GLU D 73 4.28 -5.86 -19.13
C GLU D 73 2.81 -6.26 -19.29
N GLY D 74 1.88 -5.55 -18.65
CA GLY D 74 0.51 -6.01 -18.54
C GLY D 74 -0.45 -5.74 -19.68
N SER D 75 -0.19 -4.69 -20.49
CA SER D 75 -1.18 -4.16 -21.44
C SER D 75 -1.68 -5.22 -22.42
N TYR D 76 -0.75 -5.99 -23.00
CA TYR D 76 -1.11 -6.96 -24.03
C TYR D 76 -2.23 -7.87 -23.57
N PHE D 77 -2.21 -8.30 -22.30
CA PHE D 77 -3.14 -9.32 -21.85
C PHE D 77 -4.51 -8.77 -21.50
N LEU D 78 -4.63 -7.47 -21.28
CA LEU D 78 -5.92 -6.94 -20.90
C LEU D 78 -6.93 -7.02 -22.04
N VAL D 79 -6.47 -7.03 -23.30
CA VAL D 79 -7.42 -7.09 -24.40
C VAL D 79 -7.97 -8.50 -24.62
N TYR D 80 -7.55 -9.46 -23.80
CA TYR D 80 -7.95 -10.85 -23.92
C TYR D 80 -8.78 -11.36 -22.74
N GLY D 81 -9.59 -10.49 -22.12
CA GLY D 81 -10.36 -10.91 -20.95
C GLY D 81 -10.85 -9.80 -20.01
N ALA D 82 -10.12 -8.69 -19.97
CA ALA D 82 -10.48 -7.60 -19.08
C ALA D 82 -11.66 -6.80 -19.64
N PRO D 83 -12.62 -6.44 -18.80
CA PRO D 83 -13.86 -5.84 -19.29
C PRO D 83 -13.64 -4.43 -19.80
N GLY D 84 -14.21 -4.13 -20.97
CA GLY D 84 -14.11 -2.80 -21.54
C GLY D 84 -12.75 -2.41 -22.05
N PHE D 85 -11.96 -3.37 -22.53
CA PHE D 85 -10.66 -3.14 -23.13
C PHE D 85 -10.70 -3.44 -24.63
N SER D 86 -9.95 -2.66 -25.41
CA SER D 86 -9.73 -2.96 -26.81
C SER D 86 -8.55 -2.13 -27.31
N LYS D 87 -7.88 -2.65 -28.35
CA LYS D 87 -6.88 -1.87 -29.06
C LYS D 87 -7.50 -0.76 -29.89
N ASP D 88 -8.81 -0.78 -30.08
CA ASP D 88 -9.49 0.13 -31.00
C ASP D 88 -10.20 1.27 -30.28
N ASN D 89 -10.19 1.30 -28.94
CA ASN D 89 -10.54 2.54 -28.23
C ASN D 89 -9.49 2.83 -27.19
N GLU D 90 -9.78 3.77 -26.29
CA GLU D 90 -8.82 4.17 -25.28
C GLU D 90 -8.81 3.27 -24.05
N SER D 91 -9.75 2.32 -23.96
CA SER D 91 -9.92 1.46 -22.80
C SER D 91 -10.06 2.26 -21.51
N LEU D 92 -11.02 3.17 -21.50
CA LEU D 92 -11.22 4.04 -20.34
C LEU D 92 -12.30 3.39 -19.49
N ILE D 93 -11.88 2.50 -18.60
CA ILE D 93 -12.82 1.63 -17.91
C ILE D 93 -13.42 2.37 -16.70
N SER D 94 -14.53 1.84 -16.22
CA SER D 94 -15.18 2.32 -15.02
C SER D 94 -14.54 1.66 -13.80
N ARG D 95 -14.83 2.22 -12.63
CA ARG D 95 -14.43 1.52 -11.42
C ARG D 95 -15.05 0.13 -11.39
N ALA D 96 -16.31 0.02 -11.79
CA ALA D 96 -17.00 -1.26 -11.84
C ALA D 96 -16.22 -2.25 -12.68
N GLU D 97 -15.77 -1.81 -13.86
CA GLU D 97 -14.98 -2.66 -14.74
C GLU D 97 -13.61 -2.96 -14.14
N PHE D 98 -12.98 -1.96 -13.51
CA PHE D 98 -11.70 -2.18 -12.85
C PHE D 98 -11.80 -3.30 -11.82
N LEU D 99 -12.81 -3.24 -10.94
CA LEU D 99 -12.97 -4.27 -9.92
C LEU D 99 -13.12 -5.65 -10.55
N ALA D 100 -14.03 -5.79 -11.52
CA ALA D 100 -14.21 -7.05 -12.22
C ALA D 100 -12.90 -7.58 -12.80
N GLY D 101 -12.08 -6.66 -13.33
CA GLY D 101 -10.83 -7.06 -13.96
C GLY D 101 -9.79 -7.56 -12.98
N VAL D 102 -9.81 -7.06 -11.74
CA VAL D 102 -8.91 -7.59 -10.72
C VAL D 102 -9.18 -9.07 -10.49
N ARG D 103 -10.47 -9.46 -10.40
CA ARG D 103 -10.82 -10.86 -10.15
C ARG D 103 -10.48 -11.76 -11.32
N VAL D 104 -10.27 -11.17 -12.49
CA VAL D 104 -9.90 -11.95 -13.66
C VAL D 104 -8.42 -11.78 -13.94
N GLY D 105 -7.80 -10.70 -13.47
CA GLY D 105 -6.37 -10.57 -13.57
C GLY D 105 -5.70 -11.39 -12.49
N VAL D 106 -6.30 -11.43 -11.30
CA VAL D 106 -5.76 -12.25 -10.23
C VAL D 106 -6.78 -13.32 -9.88
N PRO D 107 -6.97 -14.33 -10.72
CA PRO D 107 -8.00 -15.33 -10.44
C PRO D 107 -7.53 -16.27 -9.34
N GLN D 108 -8.45 -17.14 -8.92
CA GLN D 108 -8.16 -18.17 -7.92
C GLN D 108 -7.54 -17.58 -6.65
N VAL D 109 -8.20 -16.56 -6.11
CA VAL D 109 -7.72 -15.82 -4.96
C VAL D 109 -8.93 -15.42 -4.14
N SER D 110 -8.79 -15.38 -2.81
CA SER D 110 -9.96 -15.16 -1.96
C SER D 110 -10.48 -13.73 -2.08
N ASP D 111 -11.74 -13.56 -1.66
CA ASP D 111 -12.36 -12.25 -1.64
C ASP D 111 -11.50 -11.23 -0.90
N LEU D 112 -10.98 -11.60 0.27
CA LEU D 112 -10.14 -10.69 1.06
C LEU D 112 -8.84 -10.36 0.32
N ALA D 113 -8.23 -11.36 -0.32
CA ALA D 113 -6.98 -11.10 -1.03
C ALA D 113 -7.17 -10.09 -2.14
N ALA D 114 -8.29 -10.19 -2.85
CA ALA D 114 -8.60 -9.25 -3.92
C ALA D 114 -8.84 -7.85 -3.38
N GLU D 115 -9.46 -7.72 -2.21
CA GLU D 115 -9.56 -6.42 -1.55
C GLU D 115 -8.18 -5.79 -1.35
N ALA D 116 -7.17 -6.63 -1.02
CA ALA D 116 -5.83 -6.11 -0.77
C ALA D 116 -5.21 -5.55 -2.04
N VAL D 117 -5.40 -6.23 -3.17
CA VAL D 117 -4.93 -5.71 -4.45
C VAL D 117 -5.57 -4.36 -4.75
N VAL D 118 -6.88 -4.27 -4.58
CA VAL D 118 -7.57 -3.02 -4.83
C VAL D 118 -7.04 -1.93 -3.90
N LEU D 119 -6.72 -2.30 -2.67
CA LEU D 119 -6.20 -1.33 -1.70
C LEU D 119 -4.93 -0.67 -2.22
N HIS D 120 -4.01 -1.46 -2.73
CA HIS D 120 -2.70 -0.90 -3.05
C HIS D 120 -2.68 -0.22 -4.41
N TYR D 121 -3.45 -0.71 -5.39
CA TYR D 121 -3.38 -0.14 -6.73
C TYR D 121 -4.44 0.95 -7.01
N THR D 122 -5.48 1.07 -6.19
CA THR D 122 -6.36 2.22 -6.30
C THR D 122 -5.65 3.48 -5.84
N ASP D 123 -6.04 4.62 -6.42
CA ASP D 123 -5.58 5.94 -6.03
C ASP D 123 -6.73 6.58 -5.28
N TRP D 124 -6.64 6.67 -3.97
CA TRP D 124 -7.87 7.03 -3.26
C TRP D 124 -8.20 8.52 -3.34
N LEU D 125 -7.44 9.34 -4.10
CA LEU D 125 -7.92 10.68 -4.45
C LEU D 125 -8.75 10.66 -5.71
N HIS D 126 -8.47 9.67 -6.57
CA HIS D 126 -9.05 9.58 -7.91
C HIS D 126 -9.44 8.11 -8.15
N PRO D 127 -10.39 7.58 -7.38
CA PRO D 127 -10.72 6.15 -7.52
C PRO D 127 -11.61 5.84 -8.71
N GLU D 128 -12.16 6.88 -9.34
CA GLU D 128 -13.10 6.76 -10.44
C GLU D 128 -12.48 7.10 -11.78
N ASP D 129 -11.25 7.62 -11.78
CA ASP D 129 -10.64 8.11 -13.02
C ASP D 129 -10.28 6.98 -13.97
N PRO D 130 -10.85 6.95 -15.18
CA PRO D 130 -10.65 5.80 -16.07
C PRO D 130 -9.21 5.60 -16.53
N ALA D 131 -8.45 6.67 -16.77
CA ALA D 131 -7.09 6.49 -17.27
C ALA D 131 -6.19 5.88 -16.21
N ARG D 132 -6.36 6.32 -14.96
CA ARG D 132 -5.62 5.72 -13.85
C ARG D 132 -6.01 4.27 -13.65
N LEU D 133 -7.32 4.00 -13.61
CA LEU D 133 -7.80 2.63 -13.49
C LEU D 133 -7.24 1.74 -14.59
N ARG D 134 -7.13 2.27 -15.82
CA ARG D 134 -6.58 1.48 -16.91
C ARG D 134 -5.12 1.11 -16.65
N GLU D 135 -4.27 2.11 -16.40
CA GLU D 135 -2.87 1.79 -16.19
C GLU D 135 -2.67 1.01 -14.90
N ALA D 136 -3.53 1.27 -13.89
CA ALA D 136 -3.46 0.51 -12.64
C ALA D 136 -3.70 -0.98 -12.88
N LEU D 137 -4.80 -1.32 -13.56
CA LEU D 137 -5.04 -2.73 -13.87
C LEU D 137 -3.94 -3.31 -14.73
N SER D 138 -3.31 -2.50 -15.58
CA SER D 138 -2.14 -2.94 -16.34
C SER D 138 -1.03 -3.36 -15.39
N ASP D 139 -0.74 -2.51 -14.40
CA ASP D 139 0.32 -2.79 -13.42
C ASP D 139 0.00 -4.02 -12.57
N VAL D 140 -1.25 -4.16 -12.13
CA VAL D 140 -1.63 -5.38 -11.41
C VAL D 140 -1.23 -6.61 -12.22
N VAL D 141 -1.68 -6.69 -13.46
CA VAL D 141 -1.42 -7.88 -14.26
C VAL D 141 0.08 -8.00 -14.58
N GLY D 142 0.75 -6.85 -14.79
CA GLY D 142 2.17 -6.88 -15.11
C GLY D 142 3.03 -7.29 -13.93
N ASP D 143 2.69 -6.81 -12.73
CA ASP D 143 3.47 -7.12 -11.52
C ASP D 143 3.23 -8.56 -11.07
N HIS D 144 1.97 -8.96 -10.99
CA HIS D 144 1.63 -10.30 -10.52
C HIS D 144 2.28 -11.39 -11.36
N ASN D 145 2.36 -11.19 -12.69
CA ASN D 145 2.77 -12.28 -13.57
C ASN D 145 4.20 -12.21 -14.04
N VAL D 146 4.79 -11.03 -14.12
CA VAL D 146 6.10 -10.92 -14.76
C VAL D 146 7.09 -10.21 -13.86
N VAL D 147 6.82 -8.95 -13.51
CA VAL D 147 7.84 -8.17 -12.83
C VAL D 147 8.23 -8.82 -11.51
N CYS D 148 7.27 -9.11 -10.66
CA CYS D 148 7.67 -9.60 -9.35
C CYS D 148 8.21 -11.03 -9.36
N PRO D 149 7.68 -11.96 -10.17
CA PRO D 149 8.37 -13.25 -10.27
C PRO D 149 9.79 -13.13 -10.79
N VAL D 150 10.05 -12.23 -11.75
CA VAL D 150 11.42 -12.01 -12.19
C VAL D 150 12.26 -11.43 -11.05
N ALA D 151 11.70 -10.45 -10.34
CA ALA D 151 12.46 -9.80 -9.27
C ALA D 151 12.76 -10.78 -8.15
N GLN D 152 11.84 -11.68 -7.85
CA GLN D 152 12.11 -12.74 -6.89
C GLN D 152 13.26 -13.62 -7.35
N LEU D 153 13.20 -14.11 -8.59
CA LEU D 153 14.24 -14.98 -9.12
C LEU D 153 15.60 -14.30 -9.05
N ALA D 154 15.68 -13.04 -9.46
CA ALA D 154 16.98 -12.39 -9.54
C ALA D 154 17.67 -12.38 -8.17
N GLY D 155 16.99 -11.87 -7.15
CA GLY D 155 17.63 -11.70 -5.86
C GLY D 155 17.96 -13.00 -5.17
N ARG D 156 17.18 -14.06 -5.43
CA ARG D 156 17.48 -15.34 -4.81
C ARG D 156 18.70 -15.99 -5.45
N LEU D 157 18.78 -15.98 -6.78
CA LEU D 157 20.00 -16.38 -7.46
C LEU D 157 21.20 -15.56 -6.99
N ALA D 158 21.06 -14.22 -6.97
CA ALA D 158 22.15 -13.38 -6.52
C ALA D 158 22.61 -13.79 -5.12
N ALA D 159 21.66 -14.09 -4.24
CA ALA D 159 21.99 -14.40 -2.86
C ALA D 159 22.69 -15.74 -2.71
N GLN D 160 22.52 -16.66 -3.65
CA GLN D 160 23.21 -17.94 -3.59
C GLN D 160 24.38 -18.01 -4.57
N GLY D 161 24.85 -16.86 -5.04
CA GLY D 161 26.10 -16.79 -5.77
C GLY D 161 26.03 -16.79 -7.27
N ALA D 162 24.88 -16.43 -7.86
CA ALA D 162 24.86 -16.17 -9.29
C ALA D 162 25.30 -14.74 -9.53
N ARG D 163 26.04 -14.53 -10.62
CA ARG D 163 26.29 -13.19 -11.15
C ARG D 163 25.09 -12.85 -12.02
N VAL D 164 24.31 -11.87 -11.60
CA VAL D 164 23.00 -11.57 -12.20
C VAL D 164 23.01 -10.13 -12.70
N TYR D 165 22.61 -9.92 -13.95
CA TYR D 165 22.42 -8.58 -14.51
C TYR D 165 20.95 -8.35 -14.85
N ALA D 166 20.43 -7.16 -14.52
CA ALA D 166 19.00 -6.87 -14.67
C ALA D 166 18.75 -5.61 -15.49
N TYR D 167 17.77 -5.67 -16.40
CA TYR D 167 17.41 -4.52 -17.21
C TYR D 167 15.91 -4.27 -17.16
N VAL D 168 15.53 -3.04 -17.49
CA VAL D 168 14.17 -2.72 -17.89
C VAL D 168 14.23 -2.05 -19.26
N PHE D 169 13.46 -2.59 -20.21
CA PHE D 169 13.47 -2.16 -21.61
C PHE D 169 12.30 -1.19 -21.80
N GLU D 170 12.60 0.06 -22.11
CA GLU D 170 11.54 1.06 -22.13
C GLU D 170 11.58 1.90 -23.39
N HIS D 171 11.66 1.25 -24.55
CA HIS D 171 11.61 1.97 -25.82
C HIS D 171 10.50 1.43 -26.72
N ARG D 172 9.61 2.31 -27.14
CA ARG D 172 8.49 1.95 -27.99
C ARG D 172 8.92 2.00 -29.46
N ALA D 173 8.89 0.84 -30.12
CA ALA D 173 9.19 0.79 -31.55
C ALA D 173 8.28 1.73 -32.33
N SER D 174 8.88 2.58 -33.17
CA SER D 174 8.10 3.47 -34.00
C SER D 174 7.22 2.70 -34.98
N THR D 175 7.52 1.42 -35.20
CA THR D 175 6.75 0.53 -36.05
C THR D 175 5.49 0.01 -35.35
N LEU D 176 5.47 0.03 -34.02
CA LEU D 176 4.46 -0.65 -33.21
C LEU D 176 3.04 -0.33 -33.67
N SER D 177 2.28 -1.40 -33.93
CA SER D 177 0.90 -1.30 -34.41
C SER D 177 -0.12 -1.23 -33.28
N TRP D 178 0.24 -1.68 -32.07
CA TRP D 178 -0.67 -1.60 -30.93
C TRP D 178 -0.85 -0.14 -30.51
N PRO D 179 -1.98 0.20 -29.88
CA PRO D 179 -2.27 1.60 -29.60
C PRO D 179 -1.29 2.17 -28.59
N LEU D 180 -1.34 3.50 -28.46
CA LEU D 180 -0.35 4.20 -27.66
C LEU D 180 -0.47 3.89 -26.16
N TRP D 181 -1.69 3.65 -25.66
CA TRP D 181 -1.86 3.44 -24.23
C TRP D 181 -1.23 2.14 -23.75
N MET D 182 -0.82 1.26 -24.66
CA MET D 182 -0.17 0.02 -24.22
C MET D 182 1.31 0.22 -23.95
N GLY D 183 1.87 1.39 -24.26
CA GLY D 183 3.25 1.66 -23.86
C GLY D 183 4.23 0.78 -24.61
N VAL D 184 5.11 0.11 -23.87
CA VAL D 184 6.02 -0.87 -24.44
C VAL D 184 5.49 -2.26 -24.09
N PRO D 185 4.70 -2.90 -24.94
CA PRO D 185 4.01 -4.12 -24.53
C PRO D 185 4.93 -5.32 -24.42
N HIS D 186 4.41 -6.34 -23.75
CA HIS D 186 5.00 -7.66 -23.65
C HIS D 186 5.44 -8.18 -25.01
N GLY D 187 6.73 -8.45 -25.12
CA GLY D 187 7.29 -9.09 -26.29
C GLY D 187 7.92 -8.17 -27.30
N TYR D 188 7.94 -6.87 -27.06
CA TYR D 188 8.40 -5.94 -28.09
C TYR D 188 9.79 -5.38 -27.84
N GLU D 189 10.55 -6.05 -26.98
CA GLU D 189 11.99 -5.91 -27.01
C GLU D 189 12.64 -6.92 -27.95
N ILE D 190 11.90 -7.97 -28.34
CA ILE D 190 12.51 -9.06 -29.09
C ILE D 190 13.10 -8.57 -30.42
N GLU D 191 12.28 -7.91 -31.25
CA GLU D 191 12.69 -7.36 -32.53
C GLU D 191 14.04 -6.67 -32.43
N PHE D 192 14.29 -5.98 -31.32
CA PHE D 192 15.53 -5.24 -31.20
C PHE D 192 16.68 -6.15 -30.81
N ILE D 193 16.46 -7.07 -29.87
CA ILE D 193 17.50 -8.03 -29.50
C ILE D 193 17.97 -8.81 -30.71
N PHE D 194 17.09 -9.06 -31.68
CA PHE D 194 17.45 -9.83 -32.87
C PHE D 194 17.91 -8.98 -34.05
N GLY D 195 18.08 -7.67 -33.85
CA GLY D 195 18.63 -6.86 -34.93
C GLY D 195 17.67 -6.65 -36.09
N ILE D 196 16.38 -6.90 -35.90
CA ILE D 196 15.42 -6.71 -36.99
C ILE D 196 15.50 -5.30 -37.57
N PRO D 197 15.73 -4.23 -36.78
CA PRO D 197 15.91 -2.90 -37.42
C PRO D 197 16.89 -2.87 -38.59
N LEU D 198 17.83 -3.82 -38.65
CA LEU D 198 18.82 -3.80 -39.72
C LEU D 198 18.25 -4.22 -41.07
N ASP D 199 17.12 -4.91 -41.08
CA ASP D 199 16.45 -5.33 -42.31
C ASP D 199 16.04 -4.11 -43.11
N PRO D 200 16.54 -3.92 -44.33
CA PRO D 200 16.11 -2.77 -45.15
C PRO D 200 14.64 -2.84 -45.55
N SER D 201 14.03 -4.03 -45.57
CA SER D 201 12.60 -4.15 -45.84
C SER D 201 11.78 -3.39 -44.79
N ARG D 202 12.24 -3.38 -43.54
CA ARG D 202 11.53 -2.75 -42.45
C ARG D 202 11.77 -1.25 -42.45
N ASN D 203 10.97 -0.54 -41.64
CA ASN D 203 10.89 0.90 -41.68
C ASN D 203 11.49 1.57 -40.44
N TYR D 204 12.34 0.87 -39.69
CA TYR D 204 12.85 1.42 -38.44
C TYR D 204 13.69 2.68 -38.69
N THR D 205 13.87 3.46 -37.63
CA THR D 205 14.69 4.66 -37.67
C THR D 205 16.17 4.30 -37.81
N ALA D 206 16.94 5.27 -38.34
CA ALA D 206 18.40 5.17 -38.23
C ALA D 206 18.81 5.07 -36.77
N GLU D 207 18.17 5.86 -35.91
CA GLU D 207 18.56 5.88 -34.50
C GLU D 207 18.10 4.63 -33.77
N GLU D 208 17.15 3.89 -34.35
CA GLU D 208 16.84 2.58 -33.80
C GLU D 208 17.82 1.53 -34.26
N LYS D 209 18.40 1.70 -35.46
CA LYS D 209 19.42 0.76 -35.96
C LYS D 209 20.62 0.71 -35.03
N ILE D 210 21.09 1.88 -34.57
CA ILE D 210 22.19 1.90 -33.60
C ILE D 210 21.75 1.27 -32.28
N PHE D 211 20.49 1.45 -31.90
CA PHE D 211 19.99 0.85 -30.67
C PHE D 211 20.09 -0.67 -30.74
N ALA D 212 19.61 -1.27 -31.82
CA ALA D 212 19.64 -2.73 -31.93
C ALA D 212 21.07 -3.25 -31.93
N GLN D 213 21.98 -2.50 -32.55
CA GLN D 213 23.38 -2.93 -32.53
C GLN D 213 23.95 -2.88 -31.13
N ARG D 214 23.48 -1.93 -30.31
CA ARG D 214 23.97 -1.88 -28.95
C ARG D 214 23.37 -3.01 -28.12
N LEU D 215 22.14 -3.41 -28.40
CA LEU D 215 21.54 -4.52 -27.65
C LEU D 215 22.17 -5.85 -28.07
N MET D 216 22.28 -6.08 -29.38
CA MET D 216 23.00 -7.26 -29.89
C MET D 216 24.42 -7.34 -29.31
N ARG D 217 25.07 -6.18 -29.09
CA ARG D 217 26.36 -6.18 -28.43
C ARG D 217 26.27 -6.66 -26.98
N TYR D 218 25.29 -6.13 -26.21
CA TYR D 218 25.12 -6.56 -24.82
C TYR D 218 24.86 -8.06 -24.73
N TRP D 219 23.98 -8.57 -25.59
CA TRP D 219 23.58 -9.96 -25.45
C TRP D 219 24.72 -10.90 -25.82
N ALA D 220 25.50 -10.55 -26.83
CA ALA D 220 26.57 -11.48 -27.18
C ALA D 220 27.82 -11.25 -26.34
N ASN D 221 28.05 -10.04 -25.85
CA ASN D 221 29.03 -9.87 -24.79
C ASN D 221 28.73 -10.80 -23.63
N PHE D 222 27.45 -10.95 -23.29
CA PHE D 222 27.08 -11.86 -22.21
C PHE D 222 27.33 -13.31 -22.61
N ALA D 223 26.91 -13.69 -23.82
CA ALA D 223 27.10 -15.08 -24.23
C ALA D 223 28.57 -15.44 -24.29
N ARG D 224 29.41 -14.47 -24.68
CA ARG D 224 30.86 -14.68 -24.76
C ARG D 224 31.49 -14.82 -23.39
N THR D 225 31.06 -13.98 -22.43
CA THR D 225 31.86 -13.73 -21.23
C THR D 225 31.05 -13.71 -19.94
N GLY D 226 29.75 -13.94 -19.98
CA GLY D 226 28.97 -13.79 -18.76
C GLY D 226 28.84 -12.37 -18.25
N ASP D 227 29.30 -11.37 -18.99
CA ASP D 227 29.15 -9.98 -18.58
C ASP D 227 28.75 -9.15 -19.79
N PRO D 228 27.56 -8.53 -19.78
CA PRO D 228 27.15 -7.72 -20.95
C PRO D 228 28.06 -6.53 -21.19
N ASN D 229 28.81 -6.11 -20.18
CA ASN D 229 29.54 -4.85 -20.29
C ASN D 229 30.63 -4.92 -21.33
N GLU D 230 30.79 -3.82 -22.05
CA GLU D 230 31.85 -3.62 -23.01
C GLU D 230 33.18 -3.64 -22.27
N PRO D 231 34.03 -4.65 -22.50
CA PRO D 231 35.18 -4.91 -21.62
C PRO D 231 36.22 -3.80 -21.71
N ARG D 232 36.48 -3.16 -20.55
CA ARG D 232 37.40 -2.05 -20.33
C ARG D 232 36.77 -0.70 -20.66
N ASP D 233 35.92 -0.64 -21.70
CA ASP D 233 35.27 0.57 -22.20
C ASP D 233 34.73 1.43 -21.08
N PRO D 234 35.39 2.55 -20.76
CA PRO D 234 34.88 3.46 -19.72
C PRO D 234 34.19 4.69 -20.27
N LYS D 235 33.94 4.76 -21.58
CA LYS D 235 33.28 5.92 -22.18
C LYS D 235 31.82 6.02 -21.73
N ALA D 236 31.16 4.87 -21.56
CA ALA D 236 29.76 4.70 -21.18
C ALA D 236 29.62 4.32 -19.72
N PRO D 237 28.43 4.46 -19.14
CA PRO D 237 28.24 3.97 -17.77
C PRO D 237 28.36 2.47 -17.72
N GLN D 238 28.81 1.99 -16.56
CA GLN D 238 28.92 0.55 -16.34
C GLN D 238 27.56 -0.03 -16.00
N TRP D 239 27.34 -1.27 -16.40
CA TRP D 239 26.11 -1.95 -16.04
C TRP D 239 26.37 -2.78 -14.79
N PRO D 240 25.91 -2.34 -13.62
CA PRO D 240 26.25 -3.03 -12.36
C PRO D 240 25.45 -4.30 -12.21
N PRO D 241 26.03 -5.33 -11.61
CA PRO D 241 25.25 -6.54 -11.37
C PRO D 241 24.17 -6.33 -10.33
N TYR D 242 23.08 -7.06 -10.49
CA TYR D 242 21.97 -6.99 -9.55
C TYR D 242 22.35 -7.73 -8.27
N THR D 243 22.24 -7.06 -7.14
CA THR D 243 22.34 -7.73 -5.85
C THR D 243 21.02 -7.62 -5.13
N ALA D 244 20.84 -8.46 -4.13
CA ALA D 244 19.59 -8.42 -3.38
C ALA D 244 19.52 -7.22 -2.44
N GLY D 245 20.65 -6.60 -2.11
CA GLY D 245 20.63 -5.41 -1.30
C GLY D 245 20.38 -4.14 -2.08
N ALA D 246 21.35 -3.75 -2.92
CA ALA D 246 21.26 -2.50 -3.67
C ALA D 246 20.24 -2.58 -4.80
N GLN D 247 20.02 -3.77 -5.34
CA GLN D 247 18.95 -4.03 -6.32
C GLN D 247 19.07 -3.15 -7.57
N GLN D 248 20.25 -3.14 -8.20
CA GLN D 248 20.49 -2.26 -9.32
C GLN D 248 20.15 -2.92 -10.67
N TYR D 249 19.62 -2.11 -11.59
CA TYR D 249 19.32 -2.52 -12.95
C TYR D 249 19.52 -1.32 -13.86
N VAL D 250 19.50 -1.57 -15.16
CA VAL D 250 19.68 -0.49 -16.14
C VAL D 250 18.43 -0.35 -16.97
N SER D 251 18.25 0.84 -17.53
CA SER D 251 17.20 1.11 -18.50
C SER D 251 17.77 0.94 -19.91
N LEU D 252 17.21 0.03 -20.68
CA LEU D 252 17.57 -0.13 -22.07
C LEU D 252 16.69 0.81 -22.89
N ASP D 253 17.30 1.86 -23.40
CA ASP D 253 16.62 3.06 -23.85
C ASP D 253 17.39 3.61 -25.02
N LEU D 254 16.78 4.53 -25.78
CA LEU D 254 17.56 5.24 -26.80
C LEU D 254 18.60 6.16 -26.19
N ARG D 255 18.40 6.58 -24.94
CA ARG D 255 19.40 7.28 -24.15
C ARG D 255 20.44 6.26 -23.68
N PRO D 256 21.59 6.72 -23.16
CA PRO D 256 22.54 5.77 -22.57
C PRO D 256 22.00 5.02 -21.35
N LEU D 257 22.83 4.14 -20.79
CA LEU D 257 22.45 3.38 -19.61
C LEU D 257 22.20 4.28 -18.42
N GLU D 258 20.95 4.32 -17.95
CA GLU D 258 20.63 4.84 -16.62
C GLU D 258 20.62 3.65 -15.67
N VAL D 259 21.38 3.77 -14.58
CA VAL D 259 21.39 2.74 -13.55
C VAL D 259 20.44 3.18 -12.45
N ARG D 260 19.39 2.39 -12.25
CA ARG D 260 18.34 2.66 -11.27
C ARG D 260 18.41 1.62 -10.15
N ARG D 261 17.97 2.00 -8.97
CA ARG D 261 17.93 1.10 -7.83
C ARG D 261 16.50 0.70 -7.55
N GLY D 262 16.26 -0.60 -7.39
CA GLY D 262 14.96 -1.02 -6.89
C GLY D 262 13.95 -1.30 -7.97
N LEU D 263 13.60 -2.57 -8.10
CA LEU D 263 12.89 -3.11 -9.27
C LEU D 263 11.42 -3.28 -8.93
N ARG D 264 10.73 -2.15 -8.78
CA ARG D 264 9.37 -2.09 -8.24
C ARG D 264 9.32 -2.77 -6.88
N ALA D 265 9.96 -2.12 -5.92
CA ALA D 265 10.19 -2.77 -4.65
C ALA D 265 8.92 -2.85 -3.82
N GLN D 266 8.19 -1.74 -3.69
CA GLN D 266 7.00 -1.72 -2.83
C GLN D 266 5.93 -2.66 -3.34
N ALA D 267 5.83 -2.83 -4.67
CA ALA D 267 4.82 -3.72 -5.23
C ALA D 267 5.13 -5.18 -4.90
N CYS D 268 6.37 -5.61 -5.17
CA CYS D 268 6.72 -7.02 -4.99
C CYS D 268 6.82 -7.43 -3.52
N ALA D 269 7.00 -6.48 -2.60
CA ALA D 269 6.80 -6.78 -1.19
C ALA D 269 5.41 -7.35 -0.96
N PHE D 270 4.39 -6.72 -1.55
CA PHE D 270 3.05 -7.26 -1.47
C PHE D 270 2.95 -8.61 -2.17
N TRP D 271 3.39 -8.67 -3.43
CA TRP D 271 3.11 -9.86 -4.24
C TRP D 271 3.88 -11.07 -3.75
N ASN D 272 5.15 -10.88 -3.35
CA ASN D 272 6.03 -11.98 -3.00
C ASN D 272 6.02 -12.36 -1.53
N ARG D 273 5.68 -11.44 -0.63
CA ARG D 273 5.74 -11.69 0.81
C ARG D 273 4.37 -11.61 1.49
N PHE D 274 3.67 -10.48 1.43
CA PHE D 274 2.44 -10.36 2.20
C PHE D 274 1.33 -11.22 1.63
N LEU D 275 1.14 -11.20 0.32
CA LEU D 275 -0.02 -11.90 -0.25
C LEU D 275 -0.04 -13.38 0.09
N PRO D 276 1.02 -14.16 -0.12
CA PRO D 276 0.96 -15.58 0.25
C PRO D 276 0.73 -15.81 1.73
N LYS D 277 1.06 -14.84 2.60
CA LYS D 277 0.68 -14.96 4.01
C LYS D 277 -0.84 -14.84 4.18
N LEU D 278 -1.41 -13.77 3.63
CA LEU D 278 -2.85 -13.58 3.61
C LEU D 278 -3.55 -14.81 3.05
N LEU D 279 -3.04 -15.34 1.94
CA LEU D 279 -3.66 -16.51 1.32
C LEU D 279 -3.65 -17.71 2.26
N SER D 280 -2.51 -17.98 2.90
CA SER D 280 -2.42 -19.16 3.74
C SER D 280 -2.97 -18.95 5.15
N ALA D 281 -3.59 -17.79 5.42
CA ALA D 281 -4.25 -17.55 6.70
C ALA D 281 -5.74 -17.25 6.54
N THR D 282 -6.29 -17.39 5.33
CA THR D 282 -7.74 -17.28 5.14
C THR D 282 -8.22 -18.34 4.16
#